data_5JM0
#
_entry.id   5JM0
#
_cell.length_a   1.0
_cell.length_b   1.0
_cell.length_c   1.0
_cell.angle_alpha   90.00
_cell.angle_beta   90.00
_cell.angle_gamma   90.00
#
_symmetry.space_group_name_H-M   'P 1'
#
_entity_poly.entity_id   1
_entity_poly.type   'polypeptide(L)'
_entity_poly.pdbx_seq_one_letter_code
;(UNK)(UNK)(UNK)(UNK)(UNK)(UNK)(UNK)(UNK)(UNK)(UNK)(UNK)(UNK)(UNK)MSSEDIIYDPQFKPV
QGIYENRLRQFIDTGGDYHDLNLPKFYDKKRISLDHDHVKVWWYQVSFERGSSPVSPDKRPSWKSIIERDKKGELEFREA
NINQPFGPSWSTTWFKVKISLPEDWVKSNEQLLFQWDCSNEGIVIDPKTLIPVTAFSGGERTEYVLPKTSDGKHFFYIEA
GNNGMFGCGAGSTINPPDDNRFFHLRKADIVWPDLDARALYIDFWMLGDAARELPGDSWQKHQARQLGNAVMNLFDPNDR
SSVRKCRELLQREYFDSFLESSKVYEQGESQVLTNVYGIGNCHIDTAWLWPFAETRRKIVRSWSSQCTLMDRFPEYKFVA
SQAQQFKWLLEDHPEFFNKVLIPKIQQSQFFAVGGTWVENDTNIPSGESLARQFFFGQRFFLKHFGLKSKIFWLPDTFGY
SSQMPQLCRLSGIDKFLTQKLSWNNINSFPHSTFNWAGIDGSQLLTHMPPGNTYTADSHFGDVLRTAKQNKTPEYYGSGL
MLYGKGDGGGGPTEEMLQKMRRIRSMNNRNGNVIPKLQVGITVDEFYDDILKRTNQGHDLPTWSGELYFEFHRGTYTSQA
QTKKLMRLSEIKLHDLEWIAAKTSVLYPDSYKYPSKQINELWENVLLCQFHDVLPGSCIEMVYKYEAVPMLHNVVKECTS
LIDKTVQFLQSQSKADLVEMRTLTWSKPEKVSEECSLNGSYTSSVTGYDDYIVLANGKLKVIICKKTGVITSITDETLGV
EYLDTEHGRNKLGANQFVIYDDKPLGWQAWDTELYSVNQYKYVTKPKKVQVSCNTKEKCAVEVIFQISEKCKIKSVISLN
ATAVTDAKLSKVDISTTVENWDARNKFLKVEFPVNIRNDFASYETQFGITKRPTHYNTSWDVAKFEVCHHKFADYSEYSK
GVSILNDCKYGFSTHGNLMRLSLLRSPKAPDAHADMGTHEIKYAIYPHRGALSSDTVKLAHEFNYCFKYKLPKDIGMNFD
DIISISGDENVILSNIKRGEDDSAVKSNYSLNPRDEQSIVVRVYESLGGESFASLNTTLNLKRIEKVDNLEMKVYKSLTA
TRDESNHAINRIPIKLRPFEIASFRLYF
;
_entity_poly.pdbx_strand_id   A
#
# COMPACT_ATOMS: atom_id res chain seq x y z
N UNK A 1 8.57 -5.69 -49.11
CA UNK A 1 9.87 -5.89 -48.48
C UNK A 1 9.90 -7.21 -47.71
N UNK A 2 8.92 -8.06 -47.97
CA UNK A 2 8.80 -9.37 -47.32
C UNK A 2 8.78 -9.26 -45.80
N UNK A 3 8.17 -8.19 -45.30
CA UNK A 3 8.07 -7.97 -43.86
C UNK A 3 6.97 -8.83 -43.24
N UNK A 4 5.83 -8.90 -43.94
CA UNK A 4 4.70 -9.68 -43.45
C UNK A 4 4.76 -11.11 -43.99
N UNK A 5 5.78 -11.39 -44.80
CA UNK A 5 5.98 -12.72 -45.35
C UNK A 5 6.61 -13.67 -44.34
N UNK A 6 7.66 -13.21 -43.67
CA UNK A 6 8.38 -14.01 -42.69
C UNK A 6 7.73 -13.99 -41.30
N UNK A 7 7.16 -12.86 -40.92
CA UNK A 7 6.70 -12.64 -39.56
C UNK A 7 5.38 -13.35 -39.24
N UNK A 8 4.41 -13.25 -40.15
CA UNK A 8 3.08 -13.78 -39.89
C UNK A 8 2.82 -15.17 -40.48
N UNK A 9 3.83 -15.77 -41.09
CA UNK A 9 3.63 -17.05 -41.78
C UNK A 9 3.78 -18.25 -40.86
N UNK A 10 5.03 -18.53 -40.46
CA UNK A 10 5.31 -19.70 -39.65
C UNK A 10 4.91 -19.50 -38.19
N UNK A 11 4.54 -18.28 -37.84
CA UNK A 11 4.11 -17.95 -36.49
C UNK A 11 2.69 -18.45 -36.25
N UNK A 12 1.97 -18.71 -37.32
CA UNK A 12 0.59 -19.21 -37.22
C UNK A 12 0.47 -20.63 -37.73
N UNK A 13 0.53 -20.79 -39.05
CA UNK A 13 0.42 -22.09 -39.70
C UNK A 13 -0.84 -22.85 -39.28
N LYS A 58 7.05 -38.65 -29.17
CA LYS A 58 6.76 -38.05 -30.46
C LYS A 58 6.32 -36.59 -30.30
N ARG A 59 5.71 -36.06 -31.35
CA ARG A 59 5.24 -34.67 -31.34
C ARG A 59 4.00 -34.52 -30.46
N ILE A 60 3.46 -33.31 -30.38
CA ILE A 60 2.31 -33.03 -29.54
C ILE A 60 1.12 -33.94 -29.87
N SER A 61 0.59 -34.61 -28.86
CA SER A 61 -0.53 -35.52 -29.03
C SER A 61 -1.60 -35.28 -27.97
N LEU A 62 -2.86 -35.35 -28.40
CA LEU A 62 -3.98 -35.10 -27.50
C LEU A 62 -4.84 -36.35 -27.32
N ASP A 63 -4.85 -36.88 -26.09
CA ASP A 63 -5.66 -38.05 -25.77
C ASP A 63 -6.76 -37.66 -24.81
N HIS A 64 -7.89 -38.37 -24.87
CA HIS A 64 -9.04 -38.04 -24.04
C HIS A 64 -9.46 -39.20 -23.14
N ASP A 65 -9.46 -38.96 -21.84
CA ASP A 65 -9.95 -39.94 -20.88
C ASP A 65 -11.22 -39.40 -20.23
N HIS A 66 -12.36 -39.98 -20.58
CA HIS A 66 -13.64 -39.51 -20.09
C HIS A 66 -13.96 -40.05 -18.70
N VAL A 67 -13.70 -41.34 -18.49
CA VAL A 67 -14.05 -41.98 -17.23
C VAL A 67 -13.09 -41.59 -16.11
N LYS A 68 -13.35 -42.09 -14.91
CA LYS A 68 -12.49 -41.88 -13.73
C LYS A 68 -12.48 -40.42 -13.26
N VAL A 69 -13.15 -39.55 -14.01
CA VAL A 69 -13.18 -38.12 -13.71
C VAL A 69 -14.35 -37.76 -12.81
N TRP A 70 -14.07 -37.03 -11.73
CA TRP A 70 -15.10 -36.63 -10.78
C TRP A 70 -15.19 -35.11 -10.65
N TRP A 71 -16.39 -34.62 -10.32
CA TRP A 71 -16.60 -33.19 -10.10
C TRP A 71 -17.29 -32.95 -8.76
N TYR A 72 -17.07 -31.77 -8.18
CA TYR A 72 -17.63 -31.45 -6.87
C TYR A 72 -17.89 -29.95 -6.72
N GLN A 73 -18.97 -29.61 -6.02
CA GLN A 73 -19.33 -28.21 -5.82
C GLN A 73 -19.96 -27.98 -4.46
N VAL A 74 -19.59 -26.87 -3.82
CA VAL A 74 -20.18 -26.49 -2.54
C VAL A 74 -21.08 -25.27 -2.70
N SER A 75 -22.39 -25.48 -2.60
CA SER A 75 -23.35 -24.39 -2.73
C SER A 75 -23.73 -23.84 -1.35
N PHE A 76 -23.17 -24.44 -0.31
CA PHE A 76 -23.45 -24.04 1.06
C PHE A 76 -22.68 -22.79 1.44
N SER A 90 -11.90 -26.15 2.94
CA SER A 90 -10.66 -26.75 3.43
C SER A 90 -10.32 -28.02 2.66
N TRP A 91 -9.04 -28.20 2.37
CA TRP A 91 -8.58 -29.37 1.64
C TRP A 91 -8.53 -30.61 2.53
N LYS A 92 -8.39 -30.38 3.83
CA LYS A 92 -8.33 -31.47 4.80
C LYS A 92 -9.72 -32.01 5.10
N SER A 93 -10.74 -31.17 4.94
CA SER A 93 -12.10 -31.56 5.23
C SER A 93 -12.72 -32.39 4.11
N ILE A 94 -12.28 -32.12 2.88
CA ILE A 94 -12.86 -32.79 1.71
C ILE A 94 -12.22 -34.15 1.43
N ILE A 95 -11.09 -34.43 2.05
CA ILE A 95 -10.40 -35.69 1.81
C ILE A 95 -11.10 -36.83 2.57
N GLU A 96 -11.78 -36.49 3.65
CA GLU A 96 -12.54 -37.46 4.42
C GLU A 96 -13.92 -37.67 3.81
N ARG A 97 -14.34 -36.75 2.97
CA ARG A 97 -15.67 -36.79 2.36
C ARG A 97 -15.62 -37.42 0.97
N ASP A 98 -14.43 -37.84 0.55
CA ASP A 98 -14.26 -38.38 -0.80
C ASP A 98 -14.59 -39.86 -0.89
N LYS A 99 -13.79 -40.70 -0.24
CA LYS A 99 -13.89 -42.14 -0.37
C LYS A 99 -15.13 -42.72 0.32
N LYS A 100 -15.69 -41.99 1.28
CA LYS A 100 -16.82 -42.49 2.06
C LYS A 100 -18.15 -42.33 1.33
N GLY A 101 -18.81 -43.45 1.06
CA GLY A 101 -20.13 -43.47 0.47
C GLY A 101 -20.22 -42.74 -0.86
N GLU A 102 -21.41 -42.28 -1.21
CA GLU A 102 -21.60 -41.44 -2.39
C GLU A 102 -22.04 -40.04 -1.98
N LEU A 103 -21.13 -39.09 -2.11
CA LEU A 103 -21.40 -37.70 -1.79
C LEU A 103 -21.55 -36.87 -3.06
N GLU A 104 -21.62 -35.55 -2.91
CA GLU A 104 -21.81 -34.64 -4.04
C GLU A 104 -20.72 -34.77 -5.10
N PHE A 105 -19.65 -35.49 -4.77
CA PHE A 105 -18.64 -35.86 -5.78
C PHE A 105 -19.29 -36.81 -6.77
N ARG A 106 -19.28 -36.45 -8.05
CA ARG A 106 -19.96 -37.24 -9.07
C ARG A 106 -19.17 -37.27 -10.38
N GLU A 107 -19.54 -38.19 -11.26
CA GLU A 107 -18.90 -38.31 -12.57
C GLU A 107 -19.19 -37.10 -13.45
N ALA A 108 -18.14 -36.54 -14.05
CA ALA A 108 -18.30 -35.39 -14.93
C ALA A 108 -18.15 -35.80 -16.39
N ASN A 109 -16.90 -36.11 -16.78
CA ASN A 109 -16.53 -36.66 -18.09
C ASN A 109 -16.78 -35.71 -19.26
N ILE A 110 -17.45 -34.58 -18.99
CA ILE A 110 -17.70 -33.57 -20.01
C ILE A 110 -17.46 -32.17 -19.47
N ASN A 111 -17.64 -31.17 -20.33
CA ASN A 111 -17.51 -29.78 -19.93
C ASN A 111 -18.69 -29.36 -19.05
N GLN A 112 -18.39 -28.73 -17.93
CA GLN A 112 -19.42 -28.33 -16.97
C GLN A 112 -19.64 -26.82 -16.95
N PRO A 113 -20.78 -26.38 -17.49
CA PRO A 113 -21.18 -24.96 -17.46
C PRO A 113 -21.63 -24.54 -16.06
N PHE A 114 -21.63 -23.24 -15.79
CA PHE A 114 -22.03 -22.73 -14.48
C PHE A 114 -22.72 -21.37 -14.60
N GLY A 115 -22.93 -20.73 -13.45
CA GLY A 115 -23.53 -19.42 -13.39
C GLY A 115 -22.96 -18.65 -12.22
N PRO A 116 -23.16 -17.32 -12.19
CA PRO A 116 -22.54 -16.47 -11.16
C PRO A 116 -22.85 -16.92 -9.75
N SER A 117 -21.80 -17.11 -8.95
CA SER A 117 -21.94 -17.55 -7.57
C SER A 117 -20.68 -17.23 -6.77
N TRP A 118 -20.80 -17.26 -5.44
CA TRP A 118 -19.64 -17.10 -4.58
C TRP A 118 -19.05 -18.48 -4.25
N SER A 119 -19.66 -19.50 -4.84
CA SER A 119 -19.27 -20.89 -4.59
C SER A 119 -17.97 -21.29 -5.27
N THR A 120 -17.34 -22.34 -4.75
CA THR A 120 -16.15 -22.91 -5.38
C THR A 120 -16.45 -24.33 -5.83
N THR A 121 -15.91 -24.72 -7.00
CA THR A 121 -16.19 -26.03 -7.57
C THR A 121 -14.95 -26.90 -7.63
N TRP A 122 -14.93 -27.94 -6.80
CA TRP A 122 -13.83 -28.90 -6.78
C TRP A 122 -13.88 -29.84 -7.98
N PHE A 123 -12.74 -30.37 -8.36
CA PHE A 123 -12.66 -31.28 -9.50
C PHE A 123 -11.64 -32.38 -9.26
N LYS A 124 -12.00 -33.62 -9.60
CA LYS A 124 -11.10 -34.75 -9.39
C LYS A 124 -10.85 -35.53 -10.67
N VAL A 125 -9.56 -35.69 -11.01
CA VAL A 125 -9.17 -36.46 -12.18
C VAL A 125 -8.25 -37.62 -11.78
N LYS A 126 -8.75 -38.83 -11.95
CA LYS A 126 -7.94 -40.02 -11.69
C LYS A 126 -7.39 -40.55 -13.01
N ILE A 127 -6.08 -40.48 -13.19
CA ILE A 127 -5.46 -40.82 -14.46
C ILE A 127 -4.58 -42.06 -14.36
N SER A 128 -4.79 -42.99 -15.29
CA SER A 128 -3.94 -44.17 -15.42
C SER A 128 -2.95 -43.97 -16.56
N LEU A 129 -1.68 -44.25 -16.29
CA LEU A 129 -0.63 -44.06 -17.28
C LEU A 129 -0.81 -45.00 -18.48
N PRO A 130 -0.99 -44.42 -19.68
CA PRO A 130 -1.23 -45.20 -20.90
C PRO A 130 -0.02 -46.05 -21.31
N GLU A 131 -0.29 -47.32 -21.61
CA GLU A 131 0.73 -48.31 -21.95
C GLU A 131 1.84 -48.35 -20.90
N ASP A 132 3.08 -48.54 -21.33
CA ASP A 132 4.20 -48.52 -20.41
C ASP A 132 5.31 -47.54 -20.81
N TRP A 133 6.12 -47.95 -21.78
CA TRP A 133 7.31 -47.20 -22.20
C TRP A 133 7.03 -46.08 -23.20
N VAL A 134 6.19 -46.37 -24.19
CA VAL A 134 6.00 -45.49 -25.35
C VAL A 134 5.59 -44.07 -24.98
N LYS A 135 4.53 -43.95 -24.18
CA LYS A 135 4.00 -42.64 -23.83
C LYS A 135 4.60 -42.13 -22.52
N SER A 136 5.54 -42.89 -21.96
CA SER A 136 6.26 -42.46 -20.77
C SER A 136 7.35 -41.47 -21.15
N ASN A 137 8.05 -41.75 -22.25
CA ASN A 137 9.07 -40.86 -22.77
C ASN A 137 8.47 -39.52 -23.19
N GLU A 138 7.21 -39.57 -23.63
CA GLU A 138 6.46 -38.38 -23.99
C GLU A 138 6.22 -37.53 -22.74
N GLN A 139 6.12 -36.22 -22.94
CA GLN A 139 5.89 -35.31 -21.82
C GLN A 139 4.42 -35.32 -21.42
N LEU A 140 4.16 -35.69 -20.17
CA LEU A 140 2.79 -35.75 -19.67
C LEU A 140 2.34 -34.38 -19.19
N LEU A 141 1.14 -33.98 -19.59
CA LEU A 141 0.62 -32.66 -19.25
C LEU A 141 -0.90 -32.66 -19.15
N PHE A 142 -1.43 -31.79 -18.29
CA PHE A 142 -2.87 -31.62 -18.17
C PHE A 142 -3.22 -30.14 -18.18
N GLN A 143 -3.99 -29.72 -19.20
CA GLN A 143 -4.34 -28.32 -19.36
C GLN A 143 -5.65 -27.97 -18.66
N TRP A 144 -5.63 -26.88 -17.89
CA TRP A 144 -6.83 -26.40 -17.22
C TRP A 144 -7.13 -24.96 -17.60
N ASP A 145 -8.40 -24.60 -17.62
CA ASP A 145 -8.80 -23.21 -17.85
C ASP A 145 -8.88 -22.49 -16.51
N CYS A 146 -8.06 -21.46 -16.34
CA CYS A 146 -7.94 -20.78 -15.06
C CYS A 146 -9.20 -19.97 -14.72
N SER A 147 -9.75 -20.25 -13.56
CA SER A 147 -10.92 -19.53 -13.06
C SER A 147 -10.47 -18.33 -12.22
N ASN A 148 -11.42 -17.71 -11.52
CA ASN A 148 -11.10 -16.59 -10.64
C ASN A 148 -10.09 -16.96 -9.56
N GLU A 149 -10.29 -18.12 -8.94
CA GLU A 149 -9.37 -18.60 -7.92
C GLU A 149 -9.52 -20.10 -7.68
N GLY A 150 -8.71 -20.64 -6.77
CA GLY A 150 -8.77 -22.04 -6.41
C GLY A 150 -7.42 -22.61 -6.05
N ILE A 151 -7.35 -23.93 -5.87
CA ILE A 151 -6.08 -24.61 -5.62
C ILE A 151 -6.02 -25.91 -6.40
N VAL A 152 -4.81 -26.41 -6.62
CA VAL A 152 -4.63 -27.69 -7.31
C VAL A 152 -3.73 -28.61 -6.48
N ILE A 153 -4.19 -29.85 -6.29
CA ILE A 153 -3.46 -30.80 -5.45
C ILE A 153 -3.37 -32.18 -6.09
N ASP A 154 -2.30 -32.91 -5.77
CA ASP A 154 -2.17 -34.33 -6.13
C ASP A 154 -1.80 -35.13 -4.89
N PRO A 155 -2.68 -35.08 -3.86
CA PRO A 155 -2.41 -35.50 -2.49
C PRO A 155 -2.28 -37.01 -2.25
N LYS A 156 -1.20 -37.44 -1.59
CA LYS A 156 -1.19 -38.73 -0.88
C LYS A 156 -0.41 -38.64 0.45
N THR A 157 -1.08 -38.79 1.59
CA THR A 157 -2.52 -38.65 1.71
C THR A 157 -2.88 -37.20 1.35
N LEU A 158 -2.26 -36.23 2.01
CA LEU A 158 -1.91 -34.99 1.31
C LEU A 158 -0.50 -34.54 1.69
N ILE A 159 0.47 -34.77 0.81
CA ILE A 159 1.74 -34.04 0.84
C ILE A 159 1.73 -32.66 0.16
N PRO A 160 1.38 -32.61 -1.15
CA PRO A 160 1.67 -31.43 -1.97
C PRO A 160 0.67 -30.28 -1.89
N VAL A 161 1.13 -29.10 -2.29
CA VAL A 161 0.26 -27.99 -2.67
C VAL A 161 0.83 -27.38 -3.95
N THR A 162 0.02 -27.28 -4.99
CA THR A 162 0.50 -26.88 -6.31
C THR A 162 -0.13 -25.56 -6.77
N ALA A 163 0.54 -24.87 -7.70
CA ALA A 163 0.15 -23.54 -8.13
C ALA A 163 -1.01 -23.52 -9.13
N PHE A 164 -1.86 -22.50 -8.99
CA PHE A 164 -3.06 -22.35 -9.81
C PHE A 164 -3.12 -20.95 -10.44
N SER A 165 -3.06 -19.93 -9.58
CA SER A 165 -3.44 -18.55 -9.90
C SER A 165 -2.77 -17.94 -11.13
N GLY A 166 -1.76 -18.62 -11.68
CA GLY A 166 -1.13 -18.18 -12.91
C GLY A 166 -2.13 -18.04 -14.05
N GLY A 167 -1.71 -17.42 -15.14
CA GLY A 167 -2.61 -17.04 -16.21
C GLY A 167 -3.40 -18.17 -16.85
N GLU A 168 -4.38 -17.81 -17.66
CA GLU A 168 -5.32 -18.77 -18.26
C GLU A 168 -4.61 -19.91 -18.98
N ARG A 169 -3.41 -19.63 -19.50
CA ARG A 169 -2.56 -20.67 -20.04
C ARG A 169 -1.54 -21.09 -18.99
N THR A 170 -1.28 -22.39 -18.89
CA THR A 170 -0.43 -22.93 -17.84
C THR A 170 -0.21 -24.43 -18.03
N GLU A 171 0.79 -24.96 -17.33
CA GLU A 171 1.17 -26.36 -17.50
C GLU A 171 1.29 -27.09 -16.16
N TYR A 172 0.81 -28.33 -16.12
CA TYR A 172 0.95 -29.17 -14.95
C TYR A 172 1.68 -30.46 -15.30
N VAL A 173 2.88 -30.62 -14.76
CA VAL A 173 3.72 -31.76 -15.10
C VAL A 173 3.45 -32.98 -14.23
N LEU A 174 3.33 -34.13 -14.86
CA LEU A 174 3.15 -35.39 -14.14
C LEU A 174 4.50 -36.07 -13.93
N PRO A 175 4.78 -36.52 -12.71
CA PRO A 175 6.07 -37.14 -12.39
C PRO A 175 6.32 -38.41 -13.19
N LYS A 176 7.49 -38.48 -13.83
CA LYS A 176 7.86 -39.65 -14.62
C LYS A 176 8.74 -40.60 -13.81
N THR A 177 9.03 -40.21 -12.57
CA THR A 177 9.88 -41.01 -11.69
C THR A 177 9.12 -42.23 -11.17
N SER A 178 7.90 -42.00 -10.68
CA SER A 178 7.09 -43.07 -10.12
C SER A 178 6.04 -43.55 -11.13
N ASP A 179 6.04 -44.85 -11.41
CA ASP A 179 5.07 -45.44 -12.32
C ASP A 179 3.89 -46.02 -11.56
N GLY A 180 2.72 -45.41 -11.74
CA GLY A 180 1.52 -45.85 -11.06
C GLY A 180 0.35 -44.91 -11.27
N LYS A 181 -0.65 -44.99 -10.40
CA LYS A 181 -1.83 -44.15 -10.49
C LYS A 181 -1.96 -43.23 -9.29
N HIS A 182 -2.23 -41.96 -9.56
CA HIS A 182 -2.39 -40.96 -8.50
C HIS A 182 -3.72 -40.21 -8.65
N PHE A 183 -3.93 -39.22 -7.79
CA PHE A 183 -5.18 -38.46 -7.80
C PHE A 183 -4.92 -36.97 -8.00
N PHE A 184 -5.97 -36.24 -8.36
CA PHE A 184 -5.86 -34.79 -8.54
C PHE A 184 -7.04 -34.06 -7.92
N TYR A 185 -6.73 -33.04 -7.11
CA TYR A 185 -7.76 -32.23 -6.47
C TYR A 185 -7.64 -30.77 -6.88
N ILE A 186 -8.63 -30.26 -7.60
CA ILE A 186 -8.61 -28.87 -8.05
C ILE A 186 -9.98 -28.19 -7.88
N GLU A 187 -9.96 -27.03 -7.23
CA GLU A 187 -11.18 -26.25 -7.04
C GLU A 187 -11.15 -24.98 -7.88
N ALA A 188 -12.32 -24.50 -8.28
CA ALA A 188 -12.43 -23.30 -9.09
C ALA A 188 -13.34 -22.26 -8.43
N GLY A 189 -12.77 -21.13 -8.07
CA GLY A 189 -13.54 -20.04 -7.49
C GLY A 189 -14.39 -19.34 -8.53
N ASN A 190 -15.64 -19.04 -8.16
CA ASN A 190 -16.57 -18.40 -9.07
C ASN A 190 -16.81 -16.94 -8.73
N ASN A 191 -17.03 -16.12 -9.74
CA ASN A 191 -17.31 -14.70 -9.55
C ASN A 191 -18.04 -14.11 -10.76
N ASP A 206 -20.07 -16.83 -15.14
CA ASP A 206 -19.14 -17.74 -14.47
C ASP A 206 -18.08 -18.24 -15.44
N ASP A 207 -16.98 -18.75 -14.88
CA ASP A 207 -15.88 -19.26 -15.70
C ASP A 207 -15.90 -20.79 -15.76
N ASN A 208 -16.19 -21.32 -16.94
CA ASN A 208 -16.19 -22.77 -17.15
C ASN A 208 -14.79 -23.27 -17.50
N ARG A 209 -14.42 -24.42 -16.94
CA ARG A 209 -13.09 -24.97 -17.15
C ARG A 209 -13.03 -25.95 -18.31
N PHE A 210 -11.97 -25.83 -19.11
CA PHE A 210 -11.70 -26.78 -20.19
C PHE A 210 -10.56 -27.70 -19.78
N PHE A 211 -10.89 -28.96 -19.55
CA PHE A 211 -9.92 -29.92 -19.03
C PHE A 211 -9.72 -31.12 -19.95
N HIS A 212 -8.48 -31.28 -20.43
CA HIS A 212 -8.11 -32.41 -21.28
C HIS A 212 -6.68 -32.86 -21.00
N LEU A 213 -6.46 -34.16 -21.04
CA LEU A 213 -5.13 -34.72 -20.85
C LEU A 213 -4.28 -34.53 -22.10
N ARG A 214 -3.06 -34.05 -21.93
CA ARG A 214 -2.19 -33.77 -23.06
C ARG A 214 -0.84 -34.47 -22.96
N LYS A 215 -0.58 -35.38 -23.89
CA LYS A 215 0.72 -36.03 -23.97
C LYS A 215 1.61 -35.34 -24.99
N ALA A 216 2.79 -35.90 -25.24
CA ALA A 216 3.72 -35.32 -26.19
C ALA A 216 4.39 -36.41 -27.03
N ASP A 222 7.71 -33.14 -29.55
CA ASP A 222 8.14 -33.41 -28.18
C ASP A 222 8.70 -32.15 -27.53
N LEU A 223 9.52 -32.35 -26.50
CA LEU A 223 10.15 -31.25 -25.80
C LEU A 223 11.11 -30.49 -26.71
N ASP A 224 11.75 -31.22 -27.62
CA ASP A 224 12.68 -30.62 -28.56
C ASP A 224 11.96 -29.90 -29.69
N ALA A 225 10.81 -30.43 -30.09
CA ALA A 225 10.02 -29.86 -31.17
C ALA A 225 9.32 -28.58 -30.71
N ARG A 226 8.78 -28.61 -29.50
CA ARG A 226 8.10 -27.46 -28.94
C ARG A 226 9.08 -26.35 -28.58
N ALA A 227 10.31 -26.74 -28.28
CA ALA A 227 11.36 -25.77 -27.95
C ALA A 227 11.68 -24.89 -29.15
N LEU A 228 11.80 -25.52 -30.32
CA LEU A 228 12.08 -24.80 -31.55
C LEU A 228 10.93 -23.86 -31.91
N TYR A 229 9.71 -24.30 -31.65
CA TYR A 229 8.52 -23.50 -31.94
C TYR A 229 8.49 -22.24 -31.07
N ILE A 230 8.89 -22.39 -29.82
CA ILE A 230 8.94 -21.26 -28.89
C ILE A 230 10.12 -20.35 -29.24
N ASP A 231 11.28 -20.96 -29.49
CA ASP A 231 12.49 -20.21 -29.82
C ASP A 231 12.31 -19.39 -31.10
N PHE A 232 11.57 -19.95 -32.06
CA PHE A 232 11.30 -19.25 -33.31
C PHE A 232 10.29 -18.13 -33.11
N TRP A 233 9.34 -18.35 -32.21
CA TRP A 233 8.33 -17.34 -31.91
C TRP A 233 8.96 -16.14 -31.20
N MET A 234 9.98 -16.41 -30.40
CA MET A 234 10.70 -15.34 -29.70
C MET A 234 11.80 -14.78 -30.59
N LEU A 235 12.06 -15.45 -31.70
CA LEU A 235 13.06 -15.00 -32.66
C LEU A 235 12.49 -13.88 -33.54
N GLY A 236 11.46 -14.22 -34.31
CA GLY A 236 10.81 -13.27 -35.19
C GLY A 236 10.24 -12.06 -34.45
N ASP A 237 9.88 -12.28 -33.19
CA ASP A 237 9.38 -11.19 -32.35
C ASP A 237 10.52 -10.23 -32.00
N ALA A 238 11.71 -10.78 -31.84
CA ALA A 238 12.90 -9.97 -31.56
C ALA A 238 13.39 -9.28 -32.82
N ALA A 239 13.03 -9.84 -33.98
CA ALA A 239 13.41 -9.27 -35.26
C ALA A 239 12.68 -7.95 -35.51
N ARG A 240 11.45 -7.87 -35.03
CA ARG A 240 10.63 -6.67 -35.20
C ARG A 240 11.10 -5.55 -34.27
N GLU A 241 11.57 -5.93 -33.08
CA GLU A 241 12.01 -4.96 -32.08
C GLU A 241 13.36 -4.36 -32.45
N LEU A 242 14.23 -5.16 -33.06
CA LEU A 242 15.53 -4.69 -33.50
C LEU A 242 15.40 -3.65 -34.61
N PRO A 243 16.25 -2.62 -34.59
CA PRO A 243 16.24 -1.56 -35.59
C PRO A 243 16.43 -2.10 -37.02
N GLY A 244 15.58 -1.64 -37.93
CA GLY A 244 15.64 -2.11 -39.31
C GLY A 244 16.89 -1.67 -40.04
N ASP A 245 17.52 -0.61 -39.55
CA ASP A 245 18.74 -0.09 -40.15
C ASP A 245 19.92 -1.01 -39.87
N SER A 246 19.88 -1.66 -38.72
CA SER A 246 20.94 -2.59 -38.33
C SER A 246 20.88 -3.87 -39.16
N TRP A 247 22.03 -4.53 -39.31
CA TRP A 247 22.10 -5.76 -40.08
C TRP A 247 21.46 -6.92 -39.31
N GLN A 248 21.30 -6.74 -38.01
CA GLN A 248 20.72 -7.75 -37.13
C GLN A 248 19.27 -8.06 -37.53
N LYS A 249 18.54 -7.01 -37.94
CA LYS A 249 17.16 -7.17 -38.37
C LYS A 249 17.09 -7.98 -39.65
N HIS A 250 18.01 -7.69 -40.57
CA HIS A 250 18.10 -8.43 -41.83
C HIS A 250 18.64 -9.83 -41.57
N GLN A 251 19.47 -9.96 -40.53
CA GLN A 251 20.00 -11.26 -40.15
C GLN A 251 18.91 -12.14 -39.57
N ALA A 252 18.19 -11.61 -38.59
CA ALA A 252 17.11 -12.35 -37.93
C ALA A 252 16.01 -12.71 -38.91
N ARG A 253 15.84 -11.91 -39.95
CA ARG A 253 14.88 -12.21 -41.01
C ARG A 253 15.33 -13.46 -41.76
N GLN A 254 16.60 -13.50 -42.12
CA GLN A 254 17.17 -14.66 -42.80
C GLN A 254 17.19 -15.88 -41.88
N LEU A 255 17.27 -15.64 -40.58
CA LEU A 255 17.20 -16.71 -39.60
C LEU A 255 15.78 -17.26 -39.54
N GLY A 256 14.80 -16.38 -39.70
CA GLY A 256 13.41 -16.78 -39.72
C GLY A 256 13.04 -17.39 -41.06
N ASN A 257 13.90 -17.19 -42.05
CA ASN A 257 13.71 -17.76 -43.38
C ASN A 257 14.06 -19.24 -43.43
N ALA A 258 15.32 -19.56 -43.18
CA ALA A 258 15.83 -20.92 -43.26
C ALA A 258 15.06 -21.89 -42.36
N VAL A 259 14.55 -21.39 -41.24
CA VAL A 259 13.77 -22.23 -40.32
C VAL A 259 12.43 -22.62 -40.93
N MET A 260 11.77 -21.64 -41.56
CA MET A 260 10.46 -21.86 -42.17
C MET A 260 10.54 -22.86 -43.32
N ASN A 261 11.73 -23.00 -43.90
CA ASN A 261 11.93 -23.90 -45.04
C ASN A 261 11.61 -25.35 -44.70
N LEU A 262 12.26 -25.89 -43.67
CA LEU A 262 12.08 -27.29 -43.29
C LEU A 262 10.89 -27.48 -42.34
N PHE A 263 10.38 -26.38 -41.80
CA PHE A 263 9.27 -26.44 -40.85
C PHE A 263 7.92 -26.62 -41.55
N ASP A 264 7.81 -26.08 -42.76
CA ASP A 264 6.53 -26.08 -43.47
C ASP A 264 6.02 -27.47 -43.89
N PRO A 265 6.86 -28.28 -44.58
CA PRO A 265 6.23 -29.49 -45.11
C PRO A 265 6.18 -30.66 -44.12
N ASN A 266 5.72 -30.39 -42.90
CA ASN A 266 5.42 -31.42 -41.90
C ASN A 266 6.41 -32.57 -41.81
N ASP A 267 7.64 -32.27 -41.40
CA ASP A 267 8.66 -33.31 -41.28
C ASP A 267 9.34 -33.26 -39.91
N ARG A 268 9.16 -34.33 -39.14
CA ARG A 268 9.73 -34.41 -37.80
C ARG A 268 11.26 -34.47 -37.84
N SER A 269 11.79 -35.20 -38.83
CA SER A 269 13.24 -35.34 -38.99
C SER A 269 13.89 -34.02 -39.38
N SER A 270 13.15 -33.20 -40.11
CA SER A 270 13.65 -31.91 -40.56
C SER A 270 13.61 -30.87 -39.44
N VAL A 271 12.53 -30.88 -38.66
CA VAL A 271 12.36 -29.93 -37.56
C VAL A 271 13.45 -30.08 -36.51
N ARG A 272 13.70 -31.32 -36.09
CA ARG A 272 14.74 -31.60 -35.10
C ARG A 272 16.12 -31.26 -35.63
N LYS A 273 16.31 -31.42 -36.94
CA LYS A 273 17.58 -31.11 -37.57
C LYS A 273 17.75 -29.61 -37.77
N CYS A 274 16.66 -28.94 -38.15
CA CYS A 274 16.69 -27.50 -38.38
C CYS A 274 16.91 -26.74 -37.08
N ARG A 275 16.48 -27.33 -35.97
CA ARG A 275 16.67 -26.73 -34.65
C ARG A 275 18.16 -26.66 -34.33
N GLU A 276 18.91 -27.66 -34.78
CA GLU A 276 20.35 -27.69 -34.58
C GLU A 276 21.05 -26.69 -35.49
N LEU A 277 20.55 -26.57 -36.71
CA LEU A 277 21.10 -25.63 -37.69
C LEU A 277 20.87 -24.19 -37.26
N LEU A 278 19.75 -23.95 -36.58
CA LEU A 278 19.41 -22.62 -36.10
C LEU A 278 20.36 -22.18 -34.97
N GLN A 279 20.74 -23.14 -34.13
CA GLN A 279 21.67 -22.87 -33.04
C GLN A 279 23.05 -22.53 -33.58
N ARG A 280 23.40 -23.13 -34.71
CA ARG A 280 24.67 -22.84 -35.38
C ARG A 280 24.65 -21.44 -35.98
N GLU A 281 23.46 -20.99 -36.34
CA GLU A 281 23.29 -19.65 -36.89
C GLU A 281 23.22 -18.61 -35.77
N TYR A 282 22.99 -19.08 -34.56
CA TYR A 282 22.98 -18.20 -33.39
C TYR A 282 24.40 -17.94 -32.91
N PHE A 283 25.02 -18.97 -32.34
CA PHE A 283 26.40 -18.87 -31.87
C PHE A 283 27.36 -18.92 -33.06
N ASP A 284 28.19 -17.90 -33.17
CA ASP A 284 29.16 -17.81 -34.27
C ASP A 284 30.38 -17.00 -33.86
N VAL A 300 32.00 -2.11 -24.17
CA VAL A 300 31.01 -1.42 -23.36
C VAL A 300 30.40 -2.34 -22.31
N LEU A 301 30.79 -2.15 -21.05
CA LEU A 301 30.30 -2.98 -19.96
C LEU A 301 28.91 -2.58 -19.52
N THR A 302 27.97 -3.51 -19.62
CA THR A 302 26.59 -3.26 -19.23
C THR A 302 25.97 -4.55 -18.70
N ASN A 303 24.86 -4.44 -17.98
CA ASN A 303 24.18 -5.62 -17.44
C ASN A 303 22.66 -5.50 -17.51
N VAL A 304 22.01 -6.56 -17.93
CA VAL A 304 20.55 -6.61 -17.96
C VAL A 304 20.05 -7.75 -17.09
N TYR A 305 19.38 -7.42 -16.00
CA TYR A 305 18.90 -8.44 -15.08
C TYR A 305 17.44 -8.24 -14.70
N GLY A 306 16.91 -9.14 -13.87
CA GLY A 306 15.55 -9.06 -13.40
C GLY A 306 15.26 -10.06 -12.30
N ILE A 307 14.24 -9.78 -11.50
CA ILE A 307 13.84 -10.68 -10.43
C ILE A 307 12.35 -10.95 -10.47
N GLY A 308 11.99 -12.22 -10.66
CA GLY A 308 10.59 -12.61 -10.69
C GLY A 308 9.93 -12.39 -9.34
N ASN A 309 8.85 -11.63 -9.33
CA ASN A 309 8.17 -11.30 -8.08
C ASN A 309 6.66 -11.27 -8.21
N CYS A 310 5.98 -11.42 -7.08
CA CYS A 310 4.52 -11.39 -7.05
C CYS A 310 4.02 -10.37 -6.03
N HIS A 311 3.36 -9.33 -6.52
CA HIS A 311 2.77 -8.32 -5.65
C HIS A 311 1.32 -8.63 -5.39
N ILE A 312 0.99 -8.97 -4.15
CA ILE A 312 -0.36 -9.39 -3.79
C ILE A 312 -1.03 -8.40 -2.84
N ASP A 313 -2.22 -7.95 -3.22
CA ASP A 313 -3.03 -7.10 -2.36
C ASP A 313 -3.92 -7.98 -1.47
N THR A 314 -3.75 -7.86 -0.15
CA THR A 314 -4.45 -8.72 0.79
C THR A 314 -5.96 -8.47 0.80
N ALA A 315 -6.36 -7.25 0.45
CA ALA A 315 -7.78 -6.94 0.30
C ALA A 315 -8.01 -6.07 -0.93
N TRP A 316 -8.85 -6.57 -1.83
CA TRP A 316 -9.13 -5.93 -3.11
C TRP A 316 -10.50 -6.40 -3.57
N LEU A 317 -10.80 -6.23 -4.86
CA LEU A 317 -12.09 -6.61 -5.41
C LEU A 317 -12.42 -8.10 -5.15
N TRP A 318 -11.42 -8.85 -4.69
CA TRP A 318 -11.67 -10.16 -4.09
C TRP A 318 -11.22 -10.10 -2.63
N PRO A 319 -11.96 -10.77 -1.74
CA PRO A 319 -11.76 -10.60 -0.30
C PRO A 319 -10.49 -11.24 0.25
N PHE A 320 -10.27 -11.08 1.55
CA PHE A 320 -9.08 -11.58 2.23
C PHE A 320 -9.09 -13.10 2.37
N ALA A 321 -10.25 -13.64 2.74
CA ALA A 321 -10.39 -15.09 2.94
C ALA A 321 -10.15 -15.84 1.63
N GLU A 322 -10.58 -15.25 0.52
CA GLU A 322 -10.41 -15.86 -0.78
C GLU A 322 -8.99 -15.68 -1.32
N THR A 323 -8.38 -14.54 -1.02
CA THR A 323 -7.02 -14.26 -1.48
C THR A 323 -6.00 -14.94 -0.58
N ARG A 324 -6.47 -15.44 0.57
CA ARG A 324 -5.63 -16.22 1.47
C ARG A 324 -5.31 -17.56 0.81
N ARG A 325 -6.22 -18.02 -0.04
CA ARG A 325 -6.00 -19.22 -0.84
C ARG A 325 -5.16 -18.88 -2.07
N LYS A 326 -5.13 -17.59 -2.42
CA LYS A 326 -4.41 -17.12 -3.60
C LYS A 326 -2.90 -17.00 -3.34
N ILE A 327 -2.52 -16.75 -2.09
CA ILE A 327 -1.12 -16.54 -1.77
C ILE A 327 -0.35 -17.86 -1.74
N VAL A 328 -1.05 -18.95 -1.45
CA VAL A 328 -0.41 -20.27 -1.39
C VAL A 328 -0.10 -20.78 -2.80
N ARG A 329 -0.73 -20.16 -3.79
CA ARG A 329 -0.49 -20.51 -5.18
C ARG A 329 0.77 -19.82 -5.71
N SER A 330 1.19 -18.77 -5.00
CA SER A 330 2.39 -18.02 -5.38
C SER A 330 3.65 -18.75 -4.95
N TRP A 331 3.58 -19.43 -3.80
CA TRP A 331 4.72 -20.18 -3.28
C TRP A 331 4.95 -21.46 -4.06
N SER A 332 3.87 -22.13 -4.42
CA SER A 332 3.94 -23.43 -5.09
C SER A 332 4.51 -23.32 -6.49
N SER A 333 4.29 -22.19 -7.14
CA SER A 333 4.78 -21.98 -8.50
C SER A 333 6.31 -21.87 -8.50
N GLN A 334 6.86 -21.41 -7.39
CA GLN A 334 8.30 -21.30 -7.24
C GLN A 334 8.90 -22.66 -6.93
N CYS A 335 8.24 -23.42 -6.06
CA CYS A 335 8.73 -24.73 -5.62
C CYS A 335 8.92 -25.69 -6.79
N THR A 336 7.95 -25.71 -7.70
CA THR A 336 8.04 -26.57 -8.87
C THR A 336 9.03 -26.00 -9.89
N LEU A 337 9.29 -24.71 -9.79
CA LEU A 337 10.22 -24.03 -10.69
C LEU A 337 11.66 -24.27 -10.26
N MET A 338 11.87 -24.41 -8.95
CA MET A 338 13.22 -24.60 -8.40
C MET A 338 13.89 -25.84 -8.95
N ASP A 339 13.16 -26.96 -8.95
CA ASP A 339 13.68 -28.22 -9.47
C ASP A 339 13.83 -28.17 -10.99
N ARG A 340 12.96 -27.39 -11.63
CA ARG A 340 12.98 -27.27 -13.09
C ARG A 340 14.08 -26.31 -13.53
N PHE A 341 14.21 -25.18 -12.85
CA PHE A 341 15.21 -24.18 -13.18
C PHE A 341 15.88 -23.63 -11.92
N PRO A 342 17.21 -23.48 -11.95
CA PRO A 342 17.96 -22.91 -10.82
C PRO A 342 18.16 -21.41 -10.95
N GLU A 343 18.82 -20.82 -9.95
CA GLU A 343 19.25 -19.41 -9.98
C GLU A 343 18.10 -18.41 -9.97
N TYR A 344 16.86 -18.90 -10.06
CA TYR A 344 15.69 -18.03 -10.06
C TYR A 344 15.60 -17.24 -8.76
N LYS A 345 15.08 -16.02 -8.84
CA LYS A 345 14.99 -15.16 -7.66
C LYS A 345 13.55 -14.69 -7.43
N PHE A 346 13.09 -14.79 -6.19
CA PHE A 346 11.77 -14.32 -5.82
C PHE A 346 11.85 -13.39 -4.61
N VAL A 347 10.97 -12.40 -4.57
CA VAL A 347 10.95 -11.45 -3.47
C VAL A 347 9.52 -11.31 -2.93
N ALA A 348 9.40 -11.00 -1.65
CA ALA A 348 8.08 -10.91 -1.01
C ALA A 348 7.95 -9.66 -0.15
N SER A 349 7.01 -8.79 -0.50
CA SER A 349 6.82 -7.53 0.20
C SER A 349 6.08 -7.71 1.53
N GLN A 350 5.57 -8.92 1.76
CA GLN A 350 4.81 -9.19 2.96
C GLN A 350 5.57 -10.14 3.89
N ALA A 351 5.88 -9.67 5.09
CA ALA A 351 6.47 -10.52 6.12
C ALA A 351 5.38 -11.39 6.72
N GLN A 352 4.15 -10.89 6.69
CA GLN A 352 3.00 -11.61 7.21
C GLN A 352 2.62 -12.77 6.28
N GLN A 353 3.09 -12.69 5.05
CA GLN A 353 2.88 -13.75 4.06
C GLN A 353 3.40 -15.09 4.58
N PHE A 354 4.48 -15.03 5.33
CA PHE A 354 5.05 -16.23 5.95
C PHE A 354 4.06 -16.84 6.94
N LYS A 355 3.48 -15.99 7.78
CA LYS A 355 2.56 -16.43 8.81
C LYS A 355 1.28 -17.02 8.21
N TRP A 356 0.82 -16.43 7.11
CA TRP A 356 -0.37 -16.91 6.42
C TRP A 356 -0.17 -18.34 5.91
N LEU A 357 1.05 -18.64 5.47
CA LEU A 357 1.40 -19.97 5.00
C LEU A 357 1.63 -20.92 6.17
N LEU A 358 2.19 -20.39 7.25
CA LEU A 358 2.48 -21.19 8.44
C LEU A 358 1.21 -21.53 9.22
N GLU A 359 0.21 -20.68 9.11
CA GLU A 359 -1.08 -20.94 9.78
C GLU A 359 -1.90 -21.95 8.98
N ASP A 360 -1.90 -21.80 7.65
CA ASP A 360 -2.69 -22.67 6.79
C ASP A 360 -2.02 -24.03 6.58
N HIS A 361 -0.70 -24.01 6.39
CA HIS A 361 0.05 -25.26 6.19
C HIS A 361 1.21 -25.38 7.18
N PRO A 362 0.90 -25.60 8.47
CA PRO A 362 1.91 -25.65 9.52
C PRO A 362 2.80 -26.88 9.50
N GLU A 363 2.33 -27.97 8.90
CA GLU A 363 3.01 -29.26 9.07
C GLU A 363 4.23 -29.46 8.16
N PHE A 364 3.99 -29.72 6.87
CA PHE A 364 5.08 -30.05 5.96
C PHE A 364 5.68 -28.83 5.26
N PHE A 365 4.97 -27.71 5.32
CA PHE A 365 5.41 -26.52 4.58
C PHE A 365 6.19 -25.55 5.46
N ASN A 366 6.32 -25.89 6.74
CA ASN A 366 7.22 -25.15 7.63
C ASN A 366 8.65 -25.61 7.38
N LYS A 367 8.79 -26.85 6.96
CA LYS A 367 10.10 -27.43 6.65
C LYS A 367 10.47 -27.24 5.19
N VAL A 368 9.55 -26.72 4.39
CA VAL A 368 9.81 -26.42 2.99
C VAL A 368 10.54 -25.09 2.84
N LEU A 369 10.17 -24.12 3.68
CA LEU A 369 10.71 -22.77 3.57
C LEU A 369 12.19 -22.68 3.95
N ILE A 370 12.61 -23.47 4.95
CA ILE A 370 13.98 -23.38 5.45
C ILE A 370 15.07 -23.73 4.41
N PRO A 371 14.94 -24.85 3.67
CA PRO A 371 15.98 -25.00 2.64
C PRO A 371 15.80 -24.02 1.49
N LYS A 372 14.56 -23.54 1.32
CA LYS A 372 14.23 -22.64 0.23
C LYS A 372 14.79 -21.24 0.45
N ILE A 373 14.57 -20.69 1.64
CA ILE A 373 14.98 -19.31 1.93
C ILE A 373 16.46 -19.19 2.27
N GLN A 374 16.96 -20.11 3.09
CA GLN A 374 18.31 -20.02 3.63
C GLN A 374 19.40 -20.13 2.57
N GLN A 375 19.31 -21.14 1.70
CA GLN A 375 20.33 -21.38 0.70
C GLN A 375 20.47 -20.23 -0.30
N SER A 376 19.37 -19.93 -0.99
CA SER A 376 19.38 -18.97 -2.09
C SER A 376 17.97 -18.85 -2.68
N GLN A 377 17.83 -17.98 -3.68
CA GLN A 377 16.64 -17.91 -4.53
C GLN A 377 15.43 -17.25 -3.87
N PHE A 378 15.56 -16.89 -2.59
CA PHE A 378 14.49 -16.19 -1.91
C PHE A 378 15.00 -15.02 -1.07
N PHE A 379 14.31 -13.89 -1.15
CA PHE A 379 14.67 -12.71 -0.38
C PHE A 379 13.41 -11.99 0.12
N ALA A 380 13.44 -11.56 1.37
CA ALA A 380 12.33 -10.81 1.94
C ALA A 380 12.65 -9.31 1.90
N VAL A 381 11.84 -8.55 1.17
CA VAL A 381 12.10 -7.13 1.01
C VAL A 381 11.45 -6.28 2.09
N GLY A 382 12.29 -5.59 2.87
CA GLY A 382 11.84 -4.65 3.86
C GLY A 382 11.44 -5.28 5.19
N GLY A 383 11.18 -6.58 5.18
CA GLY A 383 10.71 -7.28 6.36
C GLY A 383 9.50 -6.60 6.97
N THR A 384 8.61 -6.12 6.11
CA THR A 384 7.48 -5.30 6.55
C THR A 384 6.20 -6.12 6.68
N TRP A 385 5.45 -5.86 7.74
CA TRP A 385 4.21 -6.57 8.00
C TRP A 385 3.11 -6.16 7.01
N VAL A 386 3.10 -4.88 6.64
CA VAL A 386 2.09 -4.35 5.72
C VAL A 386 2.67 -3.46 4.64
N GLU A 387 2.04 -3.45 3.47
CA GLU A 387 2.38 -2.48 2.43
C GLU A 387 1.26 -1.44 2.36
N ASN A 388 1.57 -0.21 2.74
CA ASN A 388 0.54 0.80 2.94
C ASN A 388 0.91 2.19 2.46
N ASP A 389 -0.10 3.05 2.34
CA ASP A 389 0.10 4.47 2.11
C ASP A 389 0.58 5.10 3.41
N THR A 390 1.68 5.83 3.34
CA THR A 390 2.31 6.37 4.55
C THR A 390 1.81 7.76 4.94
N ASN A 391 1.00 8.37 4.08
CA ASN A 391 0.52 9.72 4.34
C ASN A 391 -0.57 9.79 5.41
N ILE A 392 -1.59 8.95 5.27
CA ILE A 392 -2.72 8.97 6.20
C ILE A 392 -2.43 8.52 7.64
N PRO A 393 -1.70 7.40 7.84
CA PRO A 393 -1.60 6.99 9.25
C PRO A 393 -0.44 7.67 9.97
N SER A 394 -0.22 7.30 11.23
CA SER A 394 0.87 7.85 12.02
C SER A 394 2.13 7.01 11.88
N GLY A 395 3.19 7.39 12.60
CA GLY A 395 4.43 6.67 12.55
C GLY A 395 4.38 5.36 13.30
N GLU A 396 3.40 5.23 14.20
CA GLU A 396 3.22 4.01 14.97
C GLU A 396 2.83 2.85 14.06
N SER A 397 2.06 3.16 13.01
CA SER A 397 1.68 2.16 12.03
C SER A 397 2.91 1.71 11.24
N LEU A 398 3.84 2.64 11.01
CA LEU A 398 5.09 2.33 10.34
C LEU A 398 6.10 1.71 11.31
N ALA A 399 5.86 1.90 12.61
CA ALA A 399 6.75 1.37 13.63
C ALA A 399 6.48 -0.11 13.88
N ARG A 400 5.21 -0.49 13.93
CA ARG A 400 4.82 -1.86 14.20
C ARG A 400 5.18 -2.79 13.05
N GLN A 401 4.93 -2.33 11.82
CA GLN A 401 5.15 -3.15 10.63
C GLN A 401 6.62 -3.56 10.50
N PHE A 402 7.52 -2.71 10.98
CA PHE A 402 8.94 -3.02 10.99
C PHE A 402 9.27 -3.98 12.13
N PHE A 403 8.75 -3.67 13.32
CA PHE A 403 9.04 -4.44 14.51
C PHE A 403 8.34 -5.80 14.51
N PHE A 404 7.05 -5.79 14.18
CA PHE A 404 6.25 -7.02 14.23
C PHE A 404 6.48 -7.84 12.97
N GLY A 405 7.18 -7.25 12.01
CA GLY A 405 7.61 -7.96 10.81
C GLY A 405 9.00 -8.51 11.01
N GLN A 406 9.69 -8.00 12.03
CA GLN A 406 11.02 -8.47 12.39
C GLN A 406 10.92 -9.62 13.38
N ARG A 407 9.69 -9.92 13.80
CA ARG A 407 9.43 -11.01 14.73
C ARG A 407 9.70 -12.36 14.07
N PHE A 408 9.53 -12.42 12.75
CA PHE A 408 9.80 -13.64 12.00
C PHE A 408 11.29 -13.96 12.01
N PHE A 409 12.11 -12.93 12.14
CA PHE A 409 13.56 -13.10 12.22
C PHE A 409 13.95 -13.87 13.47
N LEU A 410 13.12 -13.80 14.50
CA LEU A 410 13.36 -14.52 15.74
C LEU A 410 13.07 -16.01 15.56
N LYS A 411 12.21 -16.32 14.61
CA LYS A 411 11.94 -17.71 14.20
C LYS A 411 13.06 -18.13 13.24
N HIS A 412 12.89 -19.24 12.53
CA HIS A 412 13.93 -19.62 11.60
C HIS A 412 13.63 -18.96 10.26
N PHE A 413 14.41 -17.93 9.98
CA PHE A 413 14.16 -16.98 8.90
C PHE A 413 15.39 -16.08 8.80
N GLY A 414 15.27 -15.01 8.02
CA GLY A 414 16.22 -13.92 8.12
C GLY A 414 17.26 -13.72 7.04
N LEU A 415 17.10 -14.36 5.89
CA LEU A 415 17.87 -13.94 4.74
C LEU A 415 17.07 -12.79 4.14
N LYS A 416 17.67 -11.60 4.13
CA LYS A 416 16.91 -10.39 3.85
C LYS A 416 17.61 -9.53 2.79
N SER A 417 16.98 -8.42 2.44
CA SER A 417 17.57 -7.46 1.52
C SER A 417 17.43 -6.05 2.08
N LYS A 418 18.21 -5.13 1.53
CA LYS A 418 18.23 -3.75 2.02
C LYS A 418 17.26 -2.87 1.25
N ILE A 419 16.52 -3.47 0.31
CA ILE A 419 15.57 -2.74 -0.52
C ILE A 419 14.23 -2.55 0.19
N PHE A 420 13.57 -1.43 -0.06
CA PHE A 420 12.25 -1.15 0.50
C PHE A 420 11.27 -0.96 -0.66
N TRP A 421 10.18 -1.73 -0.66
CA TRP A 421 9.34 -1.83 -1.86
C TRP A 421 7.90 -1.38 -1.62
N LEU A 422 7.54 -0.26 -2.25
CA LEU A 422 6.17 0.25 -2.20
C LEU A 422 5.72 0.68 -3.59
N PRO A 423 5.56 -0.29 -4.52
CA PRO A 423 5.24 0.02 -5.91
C PRO A 423 3.85 0.62 -6.12
N ASP A 424 2.86 0.08 -5.42
CA ASP A 424 1.47 0.50 -5.63
C ASP A 424 1.09 1.63 -4.68
N THR A 425 1.98 1.95 -3.74
CA THR A 425 1.73 3.01 -2.78
C THR A 425 1.72 4.38 -3.45
N PHE A 426 0.67 5.14 -3.22
CA PHE A 426 0.54 6.47 -3.78
C PHE A 426 1.10 7.52 -2.82
N GLY A 427 2.17 8.18 -3.24
CA GLY A 427 2.81 9.19 -2.43
C GLY A 427 3.78 8.60 -1.41
N TYR A 428 4.74 9.41 -0.97
CA TYR A 428 5.73 8.96 0.00
C TYR A 428 6.02 10.03 1.03
N SER A 429 6.22 9.61 2.27
CA SER A 429 6.50 10.53 3.37
C SER A 429 7.92 11.08 3.30
N SER A 430 8.15 12.21 3.94
CA SER A 430 9.45 12.85 3.94
C SER A 430 10.33 12.33 5.07
N GLN A 431 9.74 11.56 5.97
CA GLN A 431 10.47 10.99 7.10
C GLN A 431 11.05 9.62 6.76
N MET A 432 10.72 9.12 5.57
CA MET A 432 11.19 7.82 5.12
C MET A 432 12.72 7.69 5.06
N PRO A 433 13.45 8.74 4.62
CA PRO A 433 14.90 8.61 4.69
C PRO A 433 15.44 8.44 6.10
N GLN A 434 14.74 9.00 7.09
CA GLN A 434 15.14 8.85 8.48
C GLN A 434 14.73 7.49 9.04
N LEU A 435 13.57 7.01 8.63
CA LEU A 435 13.03 5.74 9.11
C LEU A 435 13.79 4.55 8.55
N CYS A 436 14.34 4.70 7.35
CA CYS A 436 15.02 3.61 6.67
C CYS A 436 16.36 3.25 7.33
N ARG A 437 17.20 4.27 7.53
CA ARG A 437 18.53 4.06 8.09
C ARG A 437 18.47 3.47 9.50
N LEU A 438 17.44 3.85 10.26
CA LEU A 438 17.27 3.36 11.62
C LEU A 438 16.73 1.94 11.64
N SER A 439 16.03 1.56 10.58
CA SER A 439 15.42 0.23 10.51
C SER A 439 16.39 -0.78 9.91
N GLY A 440 17.62 -0.33 9.64
CA GLY A 440 18.65 -1.20 9.11
C GLY A 440 18.41 -1.55 7.66
N ILE A 441 17.69 -0.68 6.97
CA ILE A 441 17.36 -0.90 5.56
C ILE A 441 17.76 0.33 4.74
N ASP A 442 18.76 0.16 3.87
CA ASP A 442 19.41 1.28 3.23
C ASP A 442 18.93 1.61 1.81
N LYS A 443 18.01 0.83 1.27
CA LYS A 443 17.55 1.04 -0.10
C LYS A 443 16.03 1.13 -0.16
N PHE A 444 15.53 1.79 -1.21
CA PHE A 444 14.09 1.97 -1.39
C PHE A 444 13.73 1.90 -2.87
N LEU A 445 12.50 1.47 -3.17
CA LEU A 445 12.05 1.39 -4.56
C LEU A 445 10.75 2.16 -4.75
N THR A 446 10.68 2.94 -5.83
CA THR A 446 9.49 3.72 -6.14
C THR A 446 9.09 3.55 -7.61
N GLN A 447 7.84 3.18 -7.84
CA GLN A 447 7.33 2.98 -9.18
C GLN A 447 7.03 4.32 -9.88
N LYS A 448 6.01 5.00 -9.38
CA LYS A 448 5.56 6.27 -9.95
C LYS A 448 6.26 7.45 -9.30
N LEU A 449 5.72 8.64 -9.56
CA LEU A 449 6.22 9.88 -8.96
C LEU A 449 7.64 10.23 -9.42
N SER A 450 7.87 10.18 -10.72
CA SER A 450 9.14 10.59 -11.30
C SER A 450 8.99 10.99 -12.77
N TRP A 451 9.98 11.71 -13.29
CA TRP A 451 9.95 12.18 -14.67
C TRP A 451 11.34 12.16 -15.29
N ASN A 452 11.42 11.99 -16.61
CA ASN A 452 12.70 11.94 -17.30
C ASN A 452 12.94 13.16 -18.18
N ASN A 453 13.85 14.02 -17.72
CA ASN A 453 14.16 15.32 -18.32
C ASN A 453 15.18 15.96 -17.39
N ILE A 454 15.63 17.17 -17.69
CA ILE A 454 16.44 17.84 -16.69
C ILE A 454 15.48 18.62 -15.80
N ASN A 455 15.27 18.07 -14.61
CA ASN A 455 14.33 18.57 -13.62
C ASN A 455 15.01 19.36 -12.51
N SER A 456 16.31 19.59 -12.67
CA SER A 456 17.25 19.65 -11.55
C SER A 456 17.25 18.26 -10.94
N PHE A 457 17.47 17.28 -11.82
CA PHE A 457 17.41 15.86 -11.50
C PHE A 457 17.86 15.09 -12.74
N PRO A 458 18.86 14.22 -12.58
CA PRO A 458 19.49 13.50 -13.70
C PRO A 458 18.73 12.34 -14.36
N HIS A 459 18.18 11.43 -13.56
CA HIS A 459 17.88 10.09 -14.04
C HIS A 459 16.93 9.31 -13.14
N SER A 460 16.82 8.01 -13.41
CA SER A 460 16.02 7.11 -12.59
C SER A 460 16.68 6.88 -11.24
N THR A 461 17.87 6.28 -11.25
CA THR A 461 18.65 6.06 -10.04
C THR A 461 18.83 7.36 -9.26
N PHE A 462 18.60 7.31 -7.95
CA PHE A 462 18.49 8.51 -7.15
C PHE A 462 18.96 8.32 -5.70
N ASN A 463 19.60 9.35 -5.16
CA ASN A 463 19.91 9.38 -3.74
C ASN A 463 19.01 10.40 -3.04
N TRP A 464 18.08 9.90 -2.24
CA TRP A 464 17.03 10.74 -1.67
C TRP A 464 17.47 11.41 -0.38
N ALA A 465 17.48 12.75 -0.40
CA ALA A 465 17.80 13.53 0.79
C ALA A 465 16.53 14.17 1.34
N GLY A 466 16.08 13.69 2.49
CA GLY A 466 14.88 14.20 3.11
C GLY A 466 15.08 15.60 3.68
N ILE A 467 14.01 16.19 4.18
CA ILE A 467 14.07 17.51 4.77
C ILE A 467 14.74 17.44 6.15
N ASP A 468 14.94 16.20 6.63
CA ASP A 468 15.62 15.99 7.91
C ASP A 468 17.13 16.14 7.76
N GLY A 469 17.61 16.05 6.52
CA GLY A 469 19.03 16.17 6.24
C GLY A 469 19.70 14.84 5.95
N SER A 470 19.03 13.75 6.32
CA SER A 470 19.56 12.42 6.08
C SER A 470 19.42 12.03 4.62
N GLN A 471 20.24 11.08 4.17
CA GLN A 471 20.23 10.65 2.77
C GLN A 471 19.70 9.23 2.63
N LEU A 472 19.04 8.98 1.49
CA LEU A 472 18.50 7.66 1.19
C LEU A 472 18.88 7.27 -0.23
N LEU A 473 19.63 6.19 -0.37
CA LEU A 473 19.95 5.67 -1.70
C LEU A 473 18.80 4.76 -2.16
N THR A 474 18.14 5.13 -3.25
CA THR A 474 16.98 4.39 -3.71
C THR A 474 17.10 3.97 -5.17
N HIS A 475 16.52 2.81 -5.49
CA HIS A 475 16.54 2.30 -6.85
C HIS A 475 15.17 2.46 -7.51
N MET A 476 15.13 3.25 -8.57
CA MET A 476 13.86 3.57 -9.24
C MET A 476 13.73 2.92 -10.61
N PRO A 477 12.69 2.09 -10.79
CA PRO A 477 12.32 1.53 -12.10
C PRO A 477 11.91 2.62 -13.07
N PRO A 478 12.07 2.37 -14.38
CA PRO A 478 11.74 3.36 -15.41
C PRO A 478 10.25 3.66 -15.50
N GLY A 479 9.86 4.48 -16.48
CA GLY A 479 8.48 4.86 -16.68
C GLY A 479 7.58 3.70 -17.06
N ASN A 480 8.19 2.58 -17.45
CA ASN A 480 7.45 1.37 -17.80
C ASN A 480 6.94 0.65 -16.56
N THR A 481 7.33 1.15 -15.39
CA THR A 481 6.90 0.63 -14.09
C THR A 481 7.20 -0.86 -13.91
N TYR A 482 6.28 -1.58 -13.30
CA TYR A 482 6.46 -3.01 -13.04
C TYR A 482 5.76 -3.87 -14.09
N THR A 483 5.07 -3.22 -15.02
CA THR A 483 4.32 -3.95 -16.04
C THR A 483 5.17 -4.19 -17.29
N ALA A 484 6.43 -3.77 -17.22
CA ALA A 484 7.35 -3.94 -18.33
C ALA A 484 7.72 -5.41 -18.53
N ASP A 485 8.19 -6.03 -17.44
CA ASP A 485 8.63 -7.43 -17.50
C ASP A 485 7.52 -8.38 -17.07
N SER A 486 6.35 -7.83 -16.77
CA SER A 486 5.20 -8.64 -16.36
C SER A 486 4.65 -9.45 -17.53
N HIS A 487 4.58 -10.77 -17.35
CA HIS A 487 4.17 -11.70 -18.41
C HIS A 487 4.89 -11.37 -19.70
N PHE A 488 6.21 -11.54 -19.70
CA PHE A 488 7.02 -11.00 -20.78
C PHE A 488 7.70 -12.06 -21.63
N GLY A 489 7.18 -12.23 -22.86
CA GLY A 489 7.81 -13.08 -23.85
C GLY A 489 8.42 -12.27 -24.98
N ASP A 490 8.32 -10.95 -24.88
CA ASP A 490 8.65 -10.06 -25.99
C ASP A 490 10.15 -9.77 -26.12
N VAL A 491 10.93 -10.25 -25.17
CA VAL A 491 12.40 -10.14 -25.23
C VAL A 491 12.88 -8.69 -25.38
N LEU A 492 13.49 -8.39 -26.52
CA LEU A 492 14.17 -7.12 -26.75
C LEU A 492 13.25 -5.88 -26.76
N ARG A 493 11.94 -6.12 -26.70
CA ARG A 493 10.94 -5.04 -26.78
C ARG A 493 11.20 -3.89 -25.81
N THR A 494 11.08 -4.14 -24.51
CA THR A 494 11.20 -3.08 -23.52
C THR A 494 12.64 -2.90 -23.05
N ALA A 495 13.55 -3.66 -23.64
CA ALA A 495 14.97 -3.57 -23.30
C ALA A 495 15.56 -2.23 -23.71
N LYS A 496 15.04 -1.68 -24.80
CA LYS A 496 15.52 -0.40 -25.32
C LYS A 496 14.95 0.77 -24.51
N GLN A 497 13.68 0.66 -24.14
CA GLN A 497 13.00 1.71 -23.41
C GLN A 497 13.45 1.77 -21.95
N ASN A 498 14.11 0.72 -21.50
CA ASN A 498 14.65 0.67 -20.14
C ASN A 498 15.98 1.42 -20.03
N LYS A 499 16.72 1.47 -21.13
CA LYS A 499 18.06 2.04 -21.13
C LYS A 499 18.07 3.58 -21.14
N THR A 500 17.03 4.18 -21.69
CA THR A 500 16.97 5.65 -21.76
C THR A 500 16.79 6.39 -20.42
N PRO A 501 15.84 5.96 -19.56
CA PRO A 501 15.72 6.75 -18.32
C PRO A 501 16.88 6.53 -17.36
N GLU A 502 17.48 5.35 -17.43
CA GLU A 502 18.53 4.93 -16.51
C GLU A 502 19.93 5.06 -17.10
N TYR A 503 20.89 5.50 -16.29
CA TYR A 503 22.28 5.52 -16.73
C TYR A 503 23.07 4.38 -16.07
N TYR A 504 23.46 4.58 -14.82
CA TYR A 504 24.14 3.57 -14.00
C TYR A 504 25.29 2.92 -14.78
N GLY A 505 25.50 1.63 -14.57
CA GLY A 505 26.21 0.77 -15.51
C GLY A 505 25.24 -0.25 -16.10
N SER A 506 24.01 -0.24 -15.59
CA SER A 506 23.05 -1.30 -15.88
C SER A 506 21.61 -0.86 -15.63
N GLY A 507 20.66 -1.58 -16.21
CA GLY A 507 19.25 -1.27 -16.08
C GLY A 507 18.54 -2.06 -14.99
N LEU A 508 17.22 -1.91 -14.92
CA LEU A 508 16.42 -2.60 -13.91
C LEU A 508 15.12 -3.14 -14.49
N MET A 509 14.83 -4.42 -14.22
CA MET A 509 13.61 -5.05 -14.68
C MET A 509 12.92 -5.80 -13.56
N LEU A 510 11.60 -5.62 -13.44
CA LEU A 510 10.81 -6.32 -12.43
C LEU A 510 9.82 -7.28 -13.07
N TYR A 511 10.07 -8.58 -12.91
CA TYR A 511 9.22 -9.61 -13.51
C TYR A 511 8.01 -9.92 -12.64
N GLY A 512 6.87 -10.16 -13.27
CA GLY A 512 5.65 -10.50 -12.56
C GLY A 512 4.64 -9.36 -12.55
N LYS A 513 3.37 -9.72 -12.38
CA LYS A 513 2.29 -8.74 -12.38
C LYS A 513 1.90 -8.34 -10.95
N GLY A 514 1.65 -7.05 -10.75
CA GLY A 514 1.27 -6.55 -9.45
C GLY A 514 -0.21 -6.24 -9.34
N ASP A 515 -0.97 -6.60 -10.38
CA ASP A 515 -2.41 -6.36 -10.39
C ASP A 515 -3.18 -7.66 -10.49
N GLY A 516 -3.88 -8.01 -9.40
CA GLY A 516 -4.67 -9.22 -9.36
C GLY A 516 -4.69 -9.80 -7.96
N GLY A 517 -5.11 -11.06 -7.85
CA GLY A 517 -5.06 -11.76 -6.59
C GLY A 517 -3.61 -12.05 -6.22
N GLY A 518 -2.78 -12.20 -7.25
CA GLY A 518 -1.35 -12.37 -7.08
C GLY A 518 -0.69 -12.54 -8.44
N GLY A 519 0.60 -12.26 -8.51
CA GLY A 519 1.31 -12.38 -9.78
C GLY A 519 1.78 -13.79 -10.08
N PRO A 520 1.68 -14.20 -11.35
CA PRO A 520 2.21 -15.47 -11.85
C PRO A 520 3.71 -15.41 -12.12
N THR A 521 4.36 -16.56 -12.12
CA THR A 521 5.74 -16.66 -12.57
C THR A 521 5.86 -17.76 -13.64
N GLU A 522 6.23 -17.34 -14.85
CA GLU A 522 6.23 -18.23 -16.00
C GLU A 522 7.33 -19.27 -15.90
N GLU A 523 7.05 -20.48 -16.40
CA GLU A 523 7.98 -21.60 -16.31
C GLU A 523 8.96 -21.64 -17.47
N MET A 524 8.72 -20.81 -18.48
CA MET A 524 9.57 -20.79 -19.67
C MET A 524 10.69 -19.75 -19.54
N LEU A 525 10.78 -19.12 -18.37
CA LEU A 525 11.83 -18.15 -18.10
C LEU A 525 13.22 -18.77 -18.22
N GLN A 526 13.30 -20.08 -18.04
CA GLN A 526 14.54 -20.82 -18.24
C GLN A 526 15.03 -20.68 -19.67
N LYS A 527 14.11 -20.83 -20.62
CA LYS A 527 14.43 -20.68 -22.03
C LYS A 527 14.64 -19.21 -22.39
N MET A 528 13.95 -18.33 -21.68
CA MET A 528 14.06 -16.89 -21.92
C MET A 528 15.49 -16.40 -21.69
N ARG A 529 16.08 -16.81 -20.57
CA ARG A 529 17.45 -16.44 -20.27
C ARG A 529 18.42 -17.11 -21.23
N ARG A 530 18.06 -18.32 -21.67
CA ARG A 530 18.91 -19.10 -22.56
C ARG A 530 18.88 -18.56 -24.00
N ILE A 531 17.68 -18.27 -24.49
CA ILE A 531 17.53 -17.79 -25.86
C ILE A 531 18.10 -16.38 -26.02
N ARG A 532 18.14 -15.64 -24.91
CA ARG A 532 18.72 -14.31 -24.93
C ARG A 532 20.24 -14.42 -24.88
N SER A 533 20.72 -15.57 -24.44
CA SER A 533 22.14 -15.89 -24.46
C SER A 533 22.51 -16.53 -25.79
N MET A 534 21.50 -16.87 -26.58
CA MET A 534 21.71 -17.39 -27.93
C MET A 534 21.96 -16.25 -28.91
N ASN A 535 21.19 -15.16 -28.76
CA ASN A 535 21.33 -14.00 -29.62
C ASN A 535 22.64 -13.27 -29.37
N ASN A 536 22.90 -12.95 -28.10
CA ASN A 536 24.15 -12.31 -27.71
C ASN A 536 25.17 -13.35 -27.27
N ARG A 537 26.44 -13.11 -27.58
CA ARG A 537 27.49 -14.08 -27.28
C ARG A 537 27.79 -14.13 -25.78
N ASN A 538 28.78 -14.93 -25.42
CA ASN A 538 29.16 -15.07 -24.01
C ASN A 538 30.51 -14.45 -23.75
N GLY A 539 30.96 -14.48 -22.50
CA GLY A 539 32.11 -13.71 -22.08
C GLY A 539 31.67 -12.26 -21.92
N ASN A 540 32.49 -11.43 -21.30
CA ASN A 540 32.07 -10.04 -21.11
C ASN A 540 32.73 -9.07 -22.08
N VAL A 541 31.96 -8.65 -23.07
CA VAL A 541 32.29 -7.51 -23.92
C VAL A 541 31.02 -6.67 -24.05
N ILE A 542 30.04 -7.26 -24.73
CA ILE A 542 28.69 -6.71 -24.82
C ILE A 542 27.98 -7.01 -23.50
N PRO A 543 26.89 -6.29 -23.18
CA PRO A 543 26.12 -6.59 -21.98
C PRO A 543 25.76 -8.06 -21.82
N LYS A 544 25.98 -8.60 -20.62
CA LYS A 544 25.72 -10.00 -20.32
C LYS A 544 24.34 -10.15 -19.70
N LEU A 545 23.65 -11.23 -20.05
CA LEU A 545 22.30 -11.47 -19.56
C LEU A 545 22.26 -12.49 -18.42
N GLN A 546 21.97 -12.01 -17.22
CA GLN A 546 21.84 -12.88 -16.05
C GLN A 546 20.60 -12.49 -15.24
N VAL A 547 19.65 -13.41 -15.13
CA VAL A 547 18.43 -13.16 -14.40
C VAL A 547 18.56 -13.68 -12.96
N GLY A 548 19.70 -14.29 -12.66
CA GLY A 548 19.90 -14.94 -11.38
C GLY A 548 20.65 -14.12 -10.34
N ILE A 549 20.99 -12.88 -10.67
CA ILE A 549 21.71 -12.03 -9.73
C ILE A 549 20.73 -11.44 -8.71
N THR A 550 21.22 -11.21 -7.49
CA THR A 550 20.40 -10.65 -6.42
C THR A 550 20.69 -9.18 -6.21
N VAL A 551 19.66 -8.43 -5.80
CA VAL A 551 19.78 -7.00 -5.56
C VAL A 551 20.87 -6.66 -4.54
N ASP A 552 21.18 -7.62 -3.66
CA ASP A 552 22.23 -7.43 -2.68
C ASP A 552 23.59 -7.26 -3.38
N GLU A 553 23.81 -8.07 -4.41
CA GLU A 553 25.03 -7.96 -5.21
C GLU A 553 24.94 -6.76 -6.15
N PHE A 554 23.72 -6.35 -6.46
CA PHE A 554 23.50 -5.18 -7.31
C PHE A 554 23.87 -3.90 -6.56
N TYR A 555 23.67 -3.91 -5.25
CA TYR A 555 23.99 -2.76 -4.42
C TYR A 555 25.47 -2.75 -4.08
N ASP A 556 26.15 -3.86 -4.39
CA ASP A 556 27.59 -3.93 -4.25
C ASP A 556 28.25 -3.25 -5.46
N ASP A 557 27.53 -3.24 -6.57
CA ASP A 557 28.02 -2.63 -7.81
C ASP A 557 27.88 -1.11 -7.79
N ILE A 558 26.83 -0.62 -7.13
CA ILE A 558 26.59 0.81 -7.07
C ILE A 558 27.55 1.48 -6.09
N LEU A 559 28.07 0.71 -5.14
CA LEU A 559 29.01 1.23 -4.16
C LEU A 559 30.38 1.43 -4.79
N LYS A 560 30.62 0.71 -5.89
CA LYS A 560 31.91 0.76 -6.58
C LYS A 560 31.95 1.81 -7.68
N ARG A 561 31.12 1.62 -8.69
CA ARG A 561 31.16 2.46 -9.90
C ARG A 561 30.97 3.94 -9.62
N THR A 562 29.84 4.31 -9.01
CA THR A 562 29.58 5.71 -8.72
C THR A 562 30.33 6.14 -7.46
N ASN A 563 30.59 7.44 -7.35
CA ASN A 563 31.28 8.00 -6.19
C ASN A 563 30.41 7.97 -4.94
N GLN A 564 31.05 8.07 -3.77
CA GLN A 564 30.33 8.18 -2.51
C GLN A 564 29.40 9.40 -2.57
N GLY A 565 29.91 10.50 -3.12
CA GLY A 565 29.08 11.62 -3.50
C GLY A 565 28.92 12.73 -2.48
N HIS A 566 28.82 13.95 -2.99
CA HIS A 566 28.43 15.11 -2.21
C HIS A 566 27.30 15.80 -2.97
N ASP A 567 27.63 16.29 -4.16
CA ASP A 567 26.62 16.76 -5.09
C ASP A 567 26.12 15.58 -5.91
N LEU A 568 24.84 15.28 -5.77
CA LEU A 568 24.24 14.10 -6.38
C LEU A 568 22.84 14.45 -6.88
N PRO A 569 22.12 13.47 -7.48
CA PRO A 569 20.70 13.73 -7.69
C PRO A 569 20.01 14.11 -6.40
N THR A 570 19.28 15.23 -6.40
CA THR A 570 18.70 15.76 -5.17
C THR A 570 17.25 16.22 -5.34
N TRP A 571 16.36 15.63 -4.56
CA TRP A 571 14.97 16.08 -4.51
C TRP A 571 14.52 16.18 -3.06
N SER A 572 14.15 17.37 -2.63
CA SER A 572 13.76 17.60 -1.24
C SER A 572 12.26 17.35 -1.04
N GLY A 573 11.93 16.74 0.09
CA GLY A 573 10.53 16.46 0.42
C GLY A 573 10.01 15.24 -0.30
N GLU A 574 8.73 15.26 -0.65
CA GLU A 574 8.09 14.16 -1.35
C GLU A 574 8.28 14.29 -2.86
N LEU A 575 7.64 13.39 -3.60
CA LEU A 575 7.68 13.42 -5.07
C LEU A 575 6.28 13.70 -5.60
N TYR A 576 6.20 14.29 -6.80
CA TYR A 576 4.90 14.65 -7.35
C TYR A 576 4.72 14.26 -8.82
N PHE A 577 3.72 13.42 -9.05
CA PHE A 577 3.30 13.02 -10.39
C PHE A 577 1.79 12.82 -10.27
N GLU A 578 1.16 12.20 -11.26
CA GLU A 578 -0.29 12.00 -11.16
C GLU A 578 -0.54 11.05 -10.01
N PHE A 579 -1.27 11.53 -9.02
CA PHE A 579 -1.42 10.83 -7.74
C PHE A 579 -2.48 9.74 -7.79
N HIS A 580 -3.50 9.97 -8.60
CA HIS A 580 -4.72 9.16 -8.57
C HIS A 580 -5.27 9.18 -7.15
N ARG A 581 -5.46 10.38 -6.60
CA ARG A 581 -5.95 10.52 -5.23
C ARG A 581 -7.26 9.78 -5.06
N GLY A 582 -8.25 10.15 -5.86
CA GLY A 582 -9.47 9.35 -5.97
C GLY A 582 -10.18 9.11 -4.64
N THR A 583 -10.31 7.84 -4.30
CA THR A 583 -11.02 7.41 -3.11
C THR A 583 -10.42 7.93 -1.80
N TYR A 584 -9.25 8.54 -1.88
CA TYR A 584 -8.59 9.12 -0.70
C TYR A 584 -9.52 10.04 0.07
N THR A 585 -10.22 10.91 -0.64
CA THR A 585 -11.22 11.77 -0.03
C THR A 585 -12.64 11.22 -0.16
N SER A 586 -12.78 10.11 -0.89
CA SER A 586 -14.08 9.49 -1.10
C SER A 586 -14.37 8.46 -0.01
N GLN A 587 -15.65 8.35 0.35
CA GLN A 587 -16.10 7.44 1.40
C GLN A 587 -15.38 7.75 2.71
N ALA A 588 -15.65 8.91 3.27
CA ALA A 588 -14.99 9.35 4.49
C ALA A 588 -15.40 8.50 5.69
N GLN A 589 -16.53 7.79 5.55
CA GLN A 589 -17.07 6.99 6.64
C GLN A 589 -16.11 5.88 7.07
N THR A 590 -15.32 5.36 6.13
CA THR A 590 -14.34 4.33 6.46
C THR A 590 -13.10 4.99 7.08
N LYS A 591 -12.93 6.28 6.82
CA LYS A 591 -11.86 7.04 7.47
C LYS A 591 -12.27 7.42 8.88
N LYS A 592 -13.52 7.84 9.03
CA LYS A 592 -14.05 8.21 10.34
C LYS A 592 -13.93 7.08 11.34
N LEU A 593 -14.15 5.85 10.86
CA LEU A 593 -14.08 4.68 11.71
C LEU A 593 -12.62 4.36 12.01
N MET A 594 -11.78 4.49 10.99
CA MET A 594 -10.36 4.16 11.11
C MET A 594 -9.60 5.21 11.90
N ARG A 595 -9.81 6.48 11.56
CA ARG A 595 -9.11 7.58 12.22
C ARG A 595 -9.47 7.64 13.69
N LEU A 596 -10.71 7.28 14.02
CA LEU A 596 -11.14 7.21 15.41
C LEU A 596 -10.54 5.97 16.05
N SER A 597 -10.39 4.91 15.27
CA SER A 597 -9.76 3.68 15.75
C SER A 597 -8.25 3.84 15.81
N GLU A 598 -7.71 4.67 14.93
CA GLU A 598 -6.29 4.98 14.91
C GLU A 598 -5.86 5.54 16.26
N ILE A 599 -6.40 6.69 16.62
CA ILE A 599 -6.10 7.33 17.89
C ILE A 599 -6.46 6.43 19.08
N LYS A 600 -7.59 5.72 18.97
CA LYS A 600 -8.07 4.88 20.06
C LYS A 600 -7.11 3.72 20.37
N LEU A 601 -6.58 3.11 19.32
CA LEU A 601 -5.60 2.04 19.51
C LEU A 601 -4.27 2.65 19.92
N HIS A 602 -4.03 3.89 19.49
CA HIS A 602 -2.83 4.62 19.88
C HIS A 602 -3.00 5.20 21.28
N ASP A 603 -4.22 5.14 21.82
CA ASP A 603 -4.50 5.71 23.14
C ASP A 603 -3.94 4.87 24.28
N LEU A 604 -4.48 3.66 24.43
CA LEU A 604 -4.22 2.81 25.59
C LEU A 604 -2.77 2.32 25.69
N GLU A 605 -1.98 2.54 24.64
CA GLU A 605 -0.63 1.98 24.54
C GLU A 605 0.28 2.28 25.73
N TRP A 606 0.69 3.54 25.88
CA TRP A 606 1.69 3.91 26.87
C TRP A 606 1.21 3.93 28.32
N ILE A 607 0.06 4.56 28.55
CA ILE A 607 -0.46 4.72 29.91
C ILE A 607 -0.70 3.37 30.59
N ALA A 608 -0.88 2.33 29.79
CA ALA A 608 -1.05 0.97 30.31
C ALA A 608 0.26 0.43 30.87
N ALA A 609 1.37 1.12 30.60
CA ALA A 609 2.64 0.77 31.21
C ALA A 609 2.92 1.62 32.44
N LYS A 610 2.04 2.57 32.71
CA LYS A 610 2.19 3.47 33.85
C LYS A 610 1.56 2.88 35.10
N THR A 611 0.80 1.80 34.90
CA THR A 611 0.18 1.07 36.00
C THR A 611 1.04 -0.10 36.45
N SER A 612 2.24 -0.19 35.88
CA SER A 612 3.20 -1.25 36.19
C SER A 612 3.43 -1.46 37.69
N VAL A 613 3.51 -0.37 38.43
CA VAL A 613 3.82 -0.44 39.85
C VAL A 613 2.63 -0.86 40.71
N LEU A 614 1.42 -0.51 40.26
CA LEU A 614 0.21 -0.71 41.06
C LEU A 614 -0.01 -2.16 41.49
N TYR A 615 -0.38 -3.03 40.55
CA TYR A 615 -0.55 -4.44 40.88
C TYR A 615 0.45 -5.31 40.11
N PRO A 616 1.51 -5.76 40.80
CA PRO A 616 2.52 -6.62 40.17
C PRO A 616 2.07 -8.06 39.90
N ASP A 617 2.27 -8.53 38.67
CA ASP A 617 2.39 -9.95 38.38
C ASP A 617 3.58 -10.10 37.44
N SER A 618 3.35 -9.63 36.23
CA SER A 618 4.38 -9.30 35.25
C SER A 618 4.67 -7.81 35.41
N TYR A 619 4.16 -7.26 36.51
CA TYR A 619 3.72 -5.88 36.67
C TYR A 619 2.50 -5.67 35.78
N LYS A 620 2.43 -4.57 35.05
CA LYS A 620 1.22 -4.31 34.28
C LYS A 620 1.46 -3.76 32.87
N TYR A 621 0.96 -4.50 31.90
CA TYR A 621 0.92 -4.10 30.49
C TYR A 621 0.26 -5.19 29.67
N PRO A 622 -0.61 -4.81 28.72
CA PRO A 622 -1.27 -5.79 27.86
C PRO A 622 -0.35 -6.26 26.74
N SER A 623 0.83 -6.77 27.10
CA SER A 623 1.84 -7.18 26.12
C SER A 623 1.30 -8.18 25.10
N LYS A 624 0.72 -9.26 25.59
CA LYS A 624 0.14 -10.27 24.73
C LYS A 624 -1.24 -9.84 24.22
N GLN A 625 -1.88 -8.96 24.98
CA GLN A 625 -3.24 -8.51 24.65
C GLN A 625 -3.24 -7.43 23.56
N ILE A 626 -2.34 -6.47 23.67
CA ILE A 626 -2.29 -5.37 22.71
C ILE A 626 -1.55 -5.79 21.44
N ASN A 627 -0.81 -6.90 21.53
CA ASN A 627 -0.13 -7.43 20.36
C ASN A 627 -1.13 -8.01 19.37
N GLU A 628 -2.14 -8.68 19.90
CA GLU A 628 -3.20 -9.26 19.08
C GLU A 628 -4.09 -8.17 18.50
N LEU A 629 -4.16 -7.04 19.21
CA LEU A 629 -4.94 -5.90 18.74
C LEU A 629 -4.38 -5.31 17.46
N TRP A 630 -3.06 -5.17 17.41
CA TRP A 630 -2.40 -4.60 16.23
C TRP A 630 -2.39 -5.57 15.05
N GLU A 631 -2.68 -6.83 15.33
CA GLU A 631 -2.74 -7.84 14.27
C GLU A 631 -3.92 -7.58 13.33
N ASN A 632 -5.08 -7.30 13.90
CA ASN A 632 -6.30 -7.10 13.12
C ASN A 632 -6.37 -5.73 12.45
N VAL A 633 -5.81 -4.73 13.11
CA VAL A 633 -5.91 -3.35 12.64
C VAL A 633 -5.05 -3.09 11.40
N LEU A 634 -3.83 -3.60 11.40
CA LEU A 634 -2.91 -3.40 10.28
C LEU A 634 -3.39 -4.10 9.01
N LEU A 635 -4.34 -5.02 9.16
CA LEU A 635 -4.86 -5.78 8.02
C LEU A 635 -5.66 -4.92 7.06
N CYS A 636 -6.35 -3.92 7.58
CA CYS A 636 -7.15 -3.02 6.73
C CYS A 636 -6.39 -1.74 6.39
N GLN A 637 -5.16 -1.63 6.86
CA GLN A 637 -4.39 -0.40 6.68
C GLN A 637 -3.56 -0.41 5.40
N PHE A 638 -3.71 -1.46 4.59
CA PHE A 638 -2.91 -1.60 3.37
C PHE A 638 -3.21 -0.50 2.35
N HIS A 639 -2.28 -0.30 1.43
CA HIS A 639 -2.33 0.82 0.48
C HIS A 639 -3.60 0.88 -0.36
N ASP A 640 -4.08 -0.29 -0.80
CA ASP A 640 -5.31 -0.34 -1.58
C ASP A 640 -6.57 -0.29 -0.71
N VAL A 641 -6.50 -0.90 0.46
CA VAL A 641 -7.67 -1.09 1.31
C VAL A 641 -8.07 0.17 2.07
N LEU A 642 -7.08 0.84 2.67
CA LEU A 642 -7.31 1.98 3.54
C LEU A 642 -8.05 3.17 2.88
N PRO A 643 -7.65 3.57 1.65
CA PRO A 643 -8.38 4.71 1.07
C PRO A 643 -9.83 4.39 0.71
N GLY A 644 -10.17 3.11 0.62
CA GLY A 644 -11.53 2.72 0.32
C GLY A 644 -11.79 2.38 -1.13
N SER A 645 -10.72 2.13 -1.90
CA SER A 645 -10.88 1.74 -3.29
C SER A 645 -10.92 0.22 -3.38
N CYS A 646 -12.11 -0.29 -3.73
CA CYS A 646 -12.38 -1.73 -3.70
C CYS A 646 -13.80 -2.04 -4.15
N ILE A 647 -14.13 -3.32 -4.23
CA ILE A 647 -15.48 -3.75 -4.58
C ILE A 647 -16.43 -3.51 -3.40
N GLU A 648 -17.71 -3.79 -3.59
CA GLU A 648 -18.71 -3.55 -2.56
C GLU A 648 -18.69 -4.61 -1.46
N MET A 649 -18.29 -5.82 -1.81
CA MET A 649 -18.29 -6.94 -0.88
C MET A 649 -17.33 -6.72 0.29
N VAL A 650 -16.08 -6.40 -0.04
CA VAL A 650 -15.05 -6.20 0.98
C VAL A 650 -15.22 -4.85 1.66
N TYR A 651 -15.92 -3.93 0.98
CA TYR A 651 -16.20 -2.62 1.55
C TYR A 651 -17.12 -2.76 2.77
N LYS A 652 -18.00 -3.75 2.72
CA LYS A 652 -18.87 -4.06 3.84
C LYS A 652 -18.06 -4.72 4.95
N TYR A 653 -16.94 -5.31 4.57
CA TYR A 653 -16.05 -5.95 5.52
C TYR A 653 -15.13 -4.91 6.16
N GLU A 654 -15.12 -3.72 5.59
CA GLU A 654 -14.39 -2.59 6.17
C GLU A 654 -15.19 -1.96 7.30
N ALA A 655 -16.51 -1.91 7.14
CA ALA A 655 -17.39 -1.36 8.16
C ALA A 655 -17.87 -2.46 9.11
N VAL A 656 -17.38 -3.66 8.89
CA VAL A 656 -17.72 -4.82 9.71
C VAL A 656 -16.95 -4.68 11.04
N PRO A 657 -17.16 -5.58 12.02
CA PRO A 657 -16.38 -5.55 13.25
C PRO A 657 -14.86 -5.45 13.10
N MET A 658 -14.33 -5.80 11.92
CA MET A 658 -12.90 -5.69 11.65
C MET A 658 -12.37 -4.31 12.07
N LEU A 659 -13.05 -3.26 11.62
CA LEU A 659 -12.79 -1.91 12.12
C LEU A 659 -13.52 -1.64 13.43
N HIS A 660 -14.78 -2.09 13.51
CA HIS A 660 -15.64 -1.77 14.64
C HIS A 660 -15.23 -2.42 15.96
N ASN A 661 -15.05 -3.73 15.95
CA ASN A 661 -14.74 -4.47 17.19
C ASN A 661 -13.44 -4.00 17.83
N VAL A 662 -12.52 -3.49 17.01
CA VAL A 662 -11.29 -2.90 17.52
C VAL A 662 -11.60 -1.77 18.48
N VAL A 663 -12.51 -0.89 18.07
CA VAL A 663 -12.98 0.19 18.93
C VAL A 663 -13.80 -0.39 20.08
N LYS A 664 -14.57 -1.42 19.79
CA LYS A 664 -15.43 -2.06 20.78
C LYS A 664 -14.63 -2.83 21.82
N GLU A 665 -13.51 -3.41 21.41
CA GLU A 665 -12.65 -4.13 22.33
C GLU A 665 -11.80 -3.16 23.15
N CYS A 666 -11.41 -2.06 22.52
CA CYS A 666 -10.60 -1.05 23.18
C CYS A 666 -11.42 -0.24 24.18
N THR A 667 -12.70 -0.04 23.86
CA THR A 667 -13.60 0.66 24.77
C THR A 667 -14.03 -0.28 25.89
N SER A 668 -13.85 -1.58 25.65
CA SER A 668 -14.10 -2.59 26.67
C SER A 668 -12.93 -2.66 27.65
N LEU A 669 -11.72 -2.54 27.11
CA LEU A 669 -10.51 -2.60 27.93
C LEU A 669 -10.31 -1.32 28.73
N ILE A 670 -10.71 -0.19 28.16
CA ILE A 670 -10.55 1.09 28.84
C ILE A 670 -11.52 1.19 30.02
N ASP A 671 -12.61 0.44 29.96
CA ASP A 671 -13.54 0.38 31.08
C ASP A 671 -13.19 -0.78 31.99
N LYS A 672 -12.23 -1.58 31.55
CA LYS A 672 -11.76 -2.74 32.32
C LYS A 672 -10.61 -2.35 33.22
N THR A 673 -9.51 -1.91 32.62
CA THR A 673 -8.31 -1.55 33.36
C THR A 673 -8.56 -0.44 34.39
N VAL A 674 -9.57 0.39 34.14
CA VAL A 674 -9.93 1.48 35.04
C VAL A 674 -10.41 0.97 36.41
N GLN A 675 -11.15 -0.14 36.39
CA GLN A 675 -11.76 -0.68 37.60
C GLN A 675 -10.79 -0.87 38.77
N PHE A 676 -9.67 -1.54 38.51
CA PHE A 676 -8.69 -1.80 39.55
C PHE A 676 -7.61 -0.71 39.61
N LEU A 677 -7.77 0.31 38.76
CA LEU A 677 -6.83 1.43 38.70
C LEU A 677 -7.41 2.71 39.28
N GLN A 678 -8.47 3.19 38.65
CA GLN A 678 -9.07 4.48 39.00
C GLN A 678 -9.63 4.47 40.43
N SER A 679 -9.65 3.31 41.07
CA SER A 679 -10.20 3.17 42.42
C SER A 679 -9.48 4.07 43.43
N GLN A 680 -8.34 4.62 43.03
CA GLN A 680 -7.62 5.58 43.85
C GLN A 680 -8.15 6.99 43.59
N SER A 681 -9.16 7.10 42.73
CA SER A 681 -9.72 8.39 42.34
C SER A 681 -11.19 8.53 42.71
N LYS A 682 -11.49 9.48 43.61
CA LYS A 682 -12.87 9.84 43.91
C LYS A 682 -13.57 10.33 42.64
N ALA A 683 -13.13 11.48 42.15
CA ALA A 683 -13.63 12.04 40.90
C ALA A 683 -12.45 12.36 39.99
N ASP A 684 -12.38 11.66 38.86
CA ASP A 684 -11.20 11.73 38.01
C ASP A 684 -11.49 12.30 36.62
N LEU A 685 -10.84 13.40 36.31
CA LEU A 685 -10.83 13.92 34.94
C LEU A 685 -9.63 13.34 34.22
N VAL A 686 -9.88 12.51 33.20
CA VAL A 686 -8.80 11.77 32.54
C VAL A 686 -8.44 12.38 31.19
N GLU A 687 -7.26 12.99 31.13
CA GLU A 687 -6.73 13.57 29.90
C GLU A 687 -5.22 13.33 29.83
N MET A 688 -4.71 12.98 28.65
CA MET A 688 -3.28 12.76 28.50
C MET A 688 -2.53 14.00 28.02
N ARG A 689 -1.52 14.38 28.79
CA ARG A 689 -0.61 15.46 28.40
C ARG A 689 0.59 15.41 29.35
N THR A 690 1.60 16.25 29.09
CA THR A 690 2.64 16.49 30.06
C THR A 690 2.77 18.00 30.28
N LEU A 691 2.38 18.43 31.47
CA LEU A 691 2.22 19.85 31.81
C LEU A 691 1.77 20.71 30.64
N GLY A 715 -24.04 38.64 21.82
CA GLY A 715 -24.91 37.88 20.94
C GLY A 715 -26.08 38.68 20.42
N TYR A 716 -26.48 38.40 19.18
CA TYR A 716 -27.58 39.09 18.51
C TYR A 716 -27.83 38.44 17.16
N ASP A 717 -28.98 38.73 16.57
CA ASP A 717 -29.37 38.16 15.29
C ASP A 717 -29.51 39.23 14.22
N ASP A 718 -30.43 40.16 14.42
CA ASP A 718 -30.72 41.19 13.44
C ASP A 718 -29.52 42.14 13.24
N TYR A 719 -28.75 42.35 14.30
CA TYR A 719 -27.55 43.17 14.19
C TYR A 719 -26.37 42.27 13.85
N ILE A 720 -26.67 41.00 13.66
CA ILE A 720 -25.74 39.94 13.23
C ILE A 720 -24.37 39.99 13.91
N VAL A 721 -24.35 39.70 15.21
CA VAL A 721 -23.11 39.63 15.98
C VAL A 721 -23.16 38.59 17.09
N LEU A 722 -22.04 37.90 17.29
CA LEU A 722 -21.83 37.10 18.49
C LEU A 722 -20.73 37.79 19.28
N ALA A 723 -21.11 38.40 20.40
CA ALA A 723 -20.23 39.35 21.07
C ALA A 723 -19.23 38.71 22.02
N ASN A 724 -17.95 38.91 21.72
CA ASN A 724 -16.86 38.52 22.62
C ASN A 724 -15.57 39.25 22.23
N GLY A 725 -14.52 39.06 23.04
CA GLY A 725 -13.28 39.79 22.87
C GLY A 725 -12.31 39.31 21.79
N LYS A 726 -12.14 38.00 21.68
CA LYS A 726 -11.04 37.44 20.89
C LYS A 726 -11.10 37.80 19.41
N LEU A 727 -12.18 37.43 18.74
CA LEU A 727 -12.34 37.71 17.31
C LEU A 727 -13.78 37.95 16.90
N LYS A 728 -13.99 38.23 15.63
CA LYS A 728 -15.33 38.39 15.07
C LYS A 728 -15.45 37.76 13.69
N VAL A 729 -16.45 36.90 13.51
CA VAL A 729 -16.73 36.27 12.23
C VAL A 729 -18.21 36.42 11.91
N ILE A 730 -18.51 37.06 10.78
CA ILE A 730 -19.89 37.43 10.46
C ILE A 730 -20.39 36.92 9.12
N ILE A 731 -21.57 36.30 9.14
CA ILE A 731 -22.27 35.92 7.91
C ILE A 731 -23.30 37.00 7.56
N CYS A 732 -23.26 37.49 6.33
CA CYS A 732 -24.19 38.53 5.90
C CYS A 732 -25.61 37.98 5.83
N LYS A 733 -26.59 38.88 5.91
CA LYS A 733 -28.00 38.48 5.90
C LYS A 733 -28.45 38.03 4.52
N LYS A 734 -29.08 36.86 4.47
CA LYS A 734 -29.72 36.29 3.28
C LYS A 734 -28.70 35.78 2.26
N THR A 735 -27.44 36.15 2.42
CA THR A 735 -26.39 35.71 1.49
C THR A 735 -25.91 34.30 1.83
N GLY A 736 -25.74 34.02 3.12
CA GLY A 736 -25.29 32.71 3.56
C GLY A 736 -23.78 32.57 3.56
N VAL A 737 -23.09 33.63 3.17
CA VAL A 737 -21.63 33.60 3.08
C VAL A 737 -20.99 34.52 4.10
N ILE A 738 -19.98 34.01 4.80
CA ILE A 738 -19.24 34.81 5.77
C ILE A 738 -18.51 35.95 5.08
N THR A 739 -18.66 37.16 5.63
CA THR A 739 -18.03 38.33 5.04
C THR A 739 -16.72 38.69 5.74
N SER A 740 -16.82 39.21 6.95
CA SER A 740 -15.65 39.77 7.62
C SER A 740 -15.10 38.91 8.76
N ILE A 741 -13.92 38.34 8.54
CA ILE A 741 -13.13 37.78 9.61
C ILE A 741 -11.94 38.71 9.85
N THR A 742 -11.95 39.40 10.98
CA THR A 742 -10.99 40.48 11.20
C THR A 742 -10.42 40.51 12.60
N ASP A 743 -9.11 40.68 12.69
CA ASP A 743 -8.42 40.85 13.97
C ASP A 743 -8.21 42.35 14.24
N GLU A 744 -8.56 42.80 15.44
CA GLU A 744 -8.39 44.20 15.79
C GLU A 744 -6.94 44.53 16.11
N THR A 745 -6.31 43.68 16.92
CA THR A 745 -4.92 43.89 17.30
C THR A 745 -3.99 43.72 16.10
N LEU A 746 -4.25 42.69 15.31
CA LEU A 746 -3.43 42.39 14.15
C LEU A 746 -3.73 43.33 12.98
N GLY A 747 -5.01 43.51 12.69
CA GLY A 747 -5.42 44.45 11.65
C GLY A 747 -5.73 43.83 10.30
N VAL A 748 -5.81 42.50 10.26
CA VAL A 748 -6.10 41.80 9.01
C VAL A 748 -7.61 41.58 8.81
N GLU A 749 -8.13 42.09 7.70
CA GLU A 749 -9.53 41.95 7.37
C GLU A 749 -9.73 41.00 6.19
N TYR A 750 -10.69 40.10 6.33
CA TYR A 750 -10.98 39.12 5.28
C TYR A 750 -12.35 39.39 4.66
N LEU A 751 -12.52 39.05 3.39
CA LEU A 751 -13.76 39.35 2.68
C LEU A 751 -14.42 38.10 2.10
N ASP A 752 -13.79 37.49 1.10
CA ASP A 752 -14.34 36.32 0.44
C ASP A 752 -14.38 35.13 1.40
N PHE A 765 -15.88 33.83 3.92
CA PHE A 765 -15.29 32.59 4.41
C PHE A 765 -16.30 31.45 4.47
N VAL A 766 -15.79 30.22 4.54
CA VAL A 766 -16.61 29.02 4.62
C VAL A 766 -17.73 29.03 3.58
N ILE A 767 -17.35 29.01 2.30
CA ILE A 767 -18.32 28.92 1.22
C ILE A 767 -18.24 27.54 0.57
N TYR A 768 -19.29 26.76 0.75
CA TYR A 768 -19.33 25.39 0.27
C TYR A 768 -19.50 25.35 -1.24
N ASP A 769 -18.74 24.49 -1.89
CA ASP A 769 -18.75 24.42 -3.35
C ASP A 769 -18.92 22.98 -3.84
N ASP A 770 -19.84 22.79 -4.78
CA ASP A 770 -20.11 21.45 -5.32
C ASP A 770 -19.89 21.38 -6.82
N LYS A 771 -18.92 20.55 -7.22
CA LYS A 771 -18.63 20.33 -8.64
C LYS A 771 -18.68 18.84 -8.92
N PRO A 772 -19.23 18.44 -10.08
CA PRO A 772 -19.34 17.01 -10.38
C PRO A 772 -18.00 16.35 -10.73
N LEU A 773 -18.04 15.04 -10.94
CA LEU A 773 -16.85 14.27 -11.27
C LEU A 773 -17.18 13.21 -12.32
N GLY A 774 -16.41 13.18 -13.40
CA GLY A 774 -16.67 12.28 -14.50
C GLY A 774 -15.72 11.12 -14.66
N TRP A 775 -14.90 10.86 -13.64
CA TRP A 775 -13.89 9.80 -13.73
C TRP A 775 -14.19 8.65 -12.77
N GLN A 776 -13.32 7.64 -12.78
CA GLN A 776 -13.49 6.46 -11.93
C GLN A 776 -12.88 6.67 -10.55
N ALA A 777 -12.79 5.59 -9.78
CA ALA A 777 -12.27 5.66 -8.42
C ALA A 777 -10.78 5.97 -8.36
N TRP A 778 -10.04 5.45 -9.33
CA TRP A 778 -8.59 5.62 -9.37
C TRP A 778 -8.18 7.09 -9.39
N ASP A 779 -8.43 7.77 -10.51
CA ASP A 779 -8.05 9.17 -10.65
C ASP A 779 -9.27 10.08 -10.51
N THR A 780 -9.04 11.38 -10.58
CA THR A 780 -10.12 12.36 -10.54
C THR A 780 -10.04 13.33 -11.71
N GLU A 781 -11.04 13.30 -12.58
CA GLU A 781 -11.06 14.18 -13.74
C GLU A 781 -12.37 14.96 -13.83
N LEU A 782 -12.26 16.28 -13.69
CA LEU A 782 -13.42 17.16 -13.79
C LEU A 782 -13.78 17.42 -15.25
N TYR A 783 -15.04 17.76 -15.49
CA TYR A 783 -15.48 18.12 -16.84
C TYR A 783 -14.79 19.40 -17.28
N SER A 784 -14.68 19.60 -18.59
CA SER A 784 -14.00 20.78 -19.13
C SER A 784 -14.80 22.04 -18.83
N VAL A 785 -14.16 22.97 -18.14
CA VAL A 785 -14.74 24.26 -17.70
C VAL A 785 -16.19 24.12 -17.24
N ASN A 786 -16.39 23.37 -16.17
CA ASN A 786 -17.72 23.18 -15.60
C ASN A 786 -17.93 24.06 -14.40
N GLN A 787 -18.98 24.88 -14.43
CA GLN A 787 -19.24 25.81 -13.35
C GLN A 787 -19.69 25.08 -12.09
N TYR A 788 -18.97 25.31 -11.00
CA TYR A 788 -19.28 24.69 -9.72
C TYR A 788 -20.47 25.39 -9.07
N LYS A 789 -21.50 24.61 -8.73
CA LYS A 789 -22.74 25.15 -8.18
C LYS A 789 -22.57 25.56 -6.72
N TYR A 790 -22.87 26.82 -6.44
CA TYR A 790 -22.84 27.32 -5.07
C TYR A 790 -24.08 26.84 -4.30
N VAL A 791 -23.95 26.74 -2.99
CA VAL A 791 -25.04 26.23 -2.16
C VAL A 791 -25.89 27.38 -1.62
N THR A 792 -25.56 28.60 -2.03
CA THR A 792 -26.31 29.79 -1.60
C THR A 792 -27.76 29.73 -2.09
N LYS A 793 -28.69 30.10 -1.21
CA LYS A 793 -30.11 30.02 -1.50
C LYS A 793 -30.91 30.92 -0.54
N PRO A 794 -32.24 30.99 -0.70
CA PRO A 794 -33.03 31.77 0.27
C PRO A 794 -33.00 31.16 1.67
N LYS A 795 -31.88 31.38 2.36
CA LYS A 795 -31.65 30.85 3.69
C LYS A 795 -32.54 31.48 4.76
N LYS A 796 -32.65 30.81 5.90
CA LYS A 796 -33.28 31.37 7.09
C LYS A 796 -32.30 31.34 8.26
N VAL A 797 -32.48 32.23 9.22
CA VAL A 797 -31.55 32.34 10.35
C VAL A 797 -32.11 31.70 11.62
N GLN A 798 -31.23 31.02 12.36
CA GLN A 798 -31.62 30.37 13.61
C GLN A 798 -30.41 30.19 14.52
N VAL A 799 -30.67 29.93 15.80
CA VAL A 799 -29.60 29.70 16.77
C VAL A 799 -29.94 28.54 17.69
N SER A 800 -29.01 27.59 17.81
CA SER A 800 -29.22 26.36 18.57
C SER A 800 -29.59 26.61 20.03
N CYS A 801 -28.63 27.08 20.81
CA CYS A 801 -28.84 27.28 22.24
C CYS A 801 -28.60 28.73 22.65
N ASN A 802 -28.81 29.03 23.93
CA ASN A 802 -28.51 30.33 24.48
C ASN A 802 -27.73 30.23 25.78
N THR A 803 -26.48 30.69 25.76
CA THR A 803 -25.56 30.63 26.89
C THR A 803 -24.24 31.31 26.57
N LYS A 804 -23.48 31.64 27.61
CA LYS A 804 -22.13 32.15 27.45
C LYS A 804 -21.17 30.98 27.22
N GLU A 805 -21.55 29.83 27.74
CA GLU A 805 -20.77 28.61 27.56
C GLU A 805 -20.96 28.02 26.17
N LYS A 806 -22.19 28.07 25.68
CA LYS A 806 -22.55 27.44 24.41
C LYS A 806 -23.20 28.41 23.43
N CYS A 807 -22.57 28.60 22.28
CA CYS A 807 -23.14 29.44 21.22
C CYS A 807 -23.06 28.76 19.87
N ALA A 808 -24.22 28.44 19.30
CA ALA A 808 -24.29 27.90 17.95
C ALA A 808 -25.38 28.59 17.13
N VAL A 809 -24.98 29.30 16.08
CA VAL A 809 -25.93 29.99 15.21
C VAL A 809 -26.14 29.18 13.94
N GLU A 810 -27.39 28.93 13.60
CA GLU A 810 -27.72 28.03 12.51
C GLU A 810 -28.18 28.75 11.25
N VAL A 811 -27.59 28.39 10.12
CA VAL A 811 -27.96 28.95 8.82
C VAL A 811 -28.11 27.82 7.79
N ILE A 812 -29.29 27.72 7.19
CA ILE A 812 -29.61 26.62 6.30
C ILE A 812 -29.10 26.84 4.88
N PHE A 813 -28.61 25.77 4.26
CA PHE A 813 -28.26 25.77 2.84
C PHE A 813 -29.01 24.68 2.09
N GLN A 814 -29.36 24.97 0.84
CA GLN A 814 -30.11 24.04 0.01
C GLN A 814 -29.64 24.13 -1.44
N ILE A 815 -30.00 23.14 -2.24
CA ILE A 815 -29.61 23.11 -3.64
C ILE A 815 -30.68 22.40 -4.47
N SER A 816 -30.49 22.34 -5.79
CA SER A 816 -31.43 21.64 -6.68
C SER A 816 -31.52 20.18 -6.30
N GLU A 817 -32.70 19.58 -6.50
CA GLU A 817 -32.98 18.24 -5.98
C GLU A 817 -32.72 18.26 -4.48
N LYS A 818 -33.64 18.89 -3.75
CA LYS A 818 -33.38 19.39 -2.40
C LYS A 818 -32.73 18.39 -1.47
N CYS A 819 -31.64 18.83 -0.85
CA CYS A 819 -30.88 18.03 0.09
C CYS A 819 -30.42 18.93 1.23
N LYS A 820 -30.42 18.40 2.45
CA LYS A 820 -30.07 19.19 3.61
C LYS A 820 -28.58 19.07 3.93
N ILE A 821 -27.86 20.16 3.72
CA ILE A 821 -26.44 20.22 4.03
C ILE A 821 -26.24 21.05 5.30
N LYS A 822 -25.82 20.39 6.37
CA LYS A 822 -25.70 21.05 7.66
C LYS A 822 -24.27 21.09 8.17
N SER A 823 -23.84 22.29 8.57
CA SER A 823 -22.59 22.45 9.30
C SER A 823 -22.92 23.13 10.63
N VAL A 824 -22.05 22.95 11.62
CA VAL A 824 -22.32 23.48 12.95
C VAL A 824 -21.23 24.47 13.36
N ILE A 825 -21.52 25.29 14.36
CA ILE A 825 -20.56 26.28 14.82
C ILE A 825 -20.35 26.16 16.34
N SER A 826 -19.13 25.84 16.73
CA SER A 826 -18.80 25.68 18.13
C SER A 826 -17.44 26.31 18.45
N LEU A 827 -17.32 26.88 19.64
CA LEU A 827 -16.11 27.61 20.02
C LEU A 827 -16.21 28.08 21.47
N ASN A 828 -15.07 28.43 22.06
CA ASN A 828 -15.05 28.92 23.43
C ASN A 828 -14.38 30.29 23.49
N ALA A 829 -15.02 31.21 24.21
CA ALA A 829 -14.79 32.64 24.05
C ALA A 829 -13.36 33.13 24.22
N THR A 830 -12.90 33.21 25.46
CA THR A 830 -11.61 33.81 25.79
C THR A 830 -11.38 33.88 27.31
N ALA A 831 -10.21 34.35 27.71
CA ALA A 831 -9.91 34.55 29.12
C ALA A 831 -8.89 35.66 29.31
N ASP A 834 -18.94 31.53 30.84
CA ASP A 834 -17.52 31.75 30.58
C ASP A 834 -16.91 30.55 29.86
N ALA A 835 -16.33 30.79 28.69
CA ALA A 835 -15.75 29.73 27.89
C ALA A 835 -14.32 30.07 27.48
N LYS A 836 -13.47 29.06 27.38
CA LYS A 836 -12.05 29.28 27.12
C LYS A 836 -11.48 28.35 26.03
N LEU A 837 -11.00 28.97 24.96
CA LEU A 837 -10.26 28.31 23.87
C LEU A 837 -9.85 29.34 22.84
N SER A 838 -8.85 29.02 22.03
CA SER A 838 -8.40 29.94 20.99
C SER A 838 -8.97 29.60 19.61
N LYS A 839 -9.69 28.49 19.51
CA LYS A 839 -10.07 27.96 18.19
C LYS A 839 -11.55 27.60 18.08
N VAL A 840 -12.13 27.91 16.93
CA VAL A 840 -13.50 27.53 16.59
C VAL A 840 -13.56 26.04 16.25
N ASP A 841 -14.76 25.47 16.33
CA ASP A 841 -14.99 24.11 15.86
C ASP A 841 -16.23 24.07 14.98
N ILE A 842 -16.04 23.72 13.71
CA ILE A 842 -17.18 23.63 12.79
C ILE A 842 -17.32 22.23 12.21
N SER A 843 -18.42 21.56 12.59
CA SER A 843 -18.67 20.19 12.16
C SER A 843 -19.83 20.12 11.17
N THR A 844 -19.63 19.35 10.10
CA THR A 844 -20.60 19.26 9.01
C THR A 844 -21.34 17.94 8.99
N THR A 845 -22.67 18.00 8.97
CA THR A 845 -23.49 16.79 8.88
C THR A 845 -24.36 16.82 7.62
N VAL A 846 -24.08 15.93 6.68
CA VAL A 846 -24.79 15.89 5.41
C VAL A 846 -25.28 14.49 5.05
N GLU A 847 -26.57 14.37 4.77
CA GLU A 847 -27.11 13.10 4.28
C GLU A 847 -27.36 13.18 2.77
N ASN A 848 -26.57 12.44 2.01
CA ASN A 848 -26.60 12.52 0.55
C ASN A 848 -27.85 11.90 -0.05
N TRP A 849 -28.38 12.55 -1.08
CA TRP A 849 -29.55 12.04 -1.80
C TRP A 849 -29.43 12.31 -3.30
N ASP A 850 -30.21 11.57 -4.08
CA ASP A 850 -30.36 11.81 -5.52
C ASP A 850 -29.05 11.81 -6.30
N ALA A 851 -28.71 12.96 -6.87
CA ALA A 851 -27.62 13.09 -7.84
C ALA A 851 -26.30 12.52 -7.36
N ARG A 852 -25.70 11.67 -8.20
CA ARG A 852 -24.40 11.07 -7.94
C ARG A 852 -23.31 11.74 -8.77
N ASN A 853 -22.11 11.20 -8.68
CA ASN A 853 -20.96 11.70 -9.45
C ASN A 853 -20.66 13.16 -9.15
N LYS A 854 -20.74 13.54 -7.88
CA LYS A 854 -20.47 14.91 -7.47
C LYS A 854 -19.32 14.96 -6.47
N PHE A 855 -18.67 16.12 -6.39
CA PHE A 855 -17.53 16.31 -5.50
C PHE A 855 -17.73 17.59 -4.69
N LEU A 856 -17.87 17.44 -3.38
CA LEU A 856 -18.22 18.57 -2.51
C LEU A 856 -17.01 19.11 -1.75
N LYS A 857 -16.88 20.43 -1.73
CA LYS A 857 -15.79 21.08 -1.01
C LYS A 857 -16.25 22.37 -0.34
N VAL A 858 -15.52 22.80 0.68
CA VAL A 858 -15.79 24.05 1.36
C VAL A 858 -14.57 24.97 1.28
N GLU A 859 -14.79 26.20 0.83
CA GLU A 859 -13.69 27.12 0.57
C GLU A 859 -13.42 28.08 1.73
N PHE A 860 -12.15 28.30 2.02
CA PHE A 860 -11.74 29.29 3.02
C PHE A 860 -10.70 30.23 2.45
N PRO A 861 -11.11 31.12 1.53
CA PRO A 861 -10.11 32.02 0.95
C PRO A 861 -9.55 33.00 1.98
N VAL A 862 -8.22 33.07 2.04
CA VAL A 862 -7.55 33.89 3.05
C VAL A 862 -7.53 35.36 2.66
N ASN A 863 -7.60 35.61 1.35
CA ASN A 863 -7.36 36.95 0.78
C ASN A 863 -6.01 37.48 1.27
N ILE A 864 -4.96 36.76 0.89
CA ILE A 864 -3.60 37.11 1.31
C ILE A 864 -2.62 36.60 0.26
N ARG A 865 -1.41 37.14 0.27
CA ARG A 865 -0.41 36.78 -0.72
C ARG A 865 0.80 36.07 -0.11
N ASN A 866 0.91 34.78 -0.40
CA ASN A 866 2.01 33.97 0.11
C ASN A 866 2.44 32.93 -0.91
N ASP A 867 3.75 32.76 -1.07
CA ASP A 867 4.30 31.80 -2.03
C ASP A 867 4.56 30.46 -1.35
N PHE A 868 4.20 30.38 -0.08
CA PHE A 868 4.47 29.20 0.74
C PHE A 868 3.26 28.75 1.55
N ALA A 869 3.05 27.44 1.62
CA ALA A 869 1.93 26.88 2.36
C ALA A 869 2.42 25.97 3.50
N SER A 870 2.14 26.37 4.74
CA SER A 870 2.55 25.59 5.89
C SER A 870 1.65 24.37 6.08
N TYR A 871 2.27 23.19 6.11
CA TYR A 871 1.52 21.94 6.25
C TYR A 871 2.30 20.94 7.10
N GLU A 872 1.59 20.28 8.01
CA GLU A 872 2.22 19.30 8.89
C GLU A 872 2.08 17.89 8.34
N THR A 873 3.21 17.30 7.94
CA THR A 873 3.24 15.94 7.43
C THR A 873 3.38 14.95 8.56
N GLN A 874 3.61 13.69 8.22
CA GLN A 874 3.83 12.64 9.22
C GLN A 874 5.17 12.87 9.91
N PHE A 875 5.13 12.99 11.23
CA PHE A 875 6.31 13.28 12.06
C PHE A 875 7.11 14.48 11.54
N GLY A 876 6.48 15.64 11.52
CA GLY A 876 7.17 16.86 11.16
C GLY A 876 6.29 17.84 10.40
N ILE A 877 6.91 18.91 9.89
CA ILE A 877 6.21 19.85 9.02
C ILE A 877 6.99 20.09 7.72
N THR A 878 6.43 19.63 6.61
CA THR A 878 7.03 19.86 5.30
C THR A 878 6.72 21.25 4.77
N LYS A 879 7.59 21.75 3.91
CA LYS A 879 7.43 23.08 3.31
C LYS A 879 7.11 22.98 1.83
N ARG A 880 5.88 23.34 1.47
CA ARG A 880 5.44 23.27 0.08
C ARG A 880 4.87 24.62 -0.37
N PRO A 881 5.15 25.00 -1.63
CA PRO A 881 4.72 26.30 -2.17
C PRO A 881 3.22 26.40 -2.42
N THR A 882 2.77 27.57 -2.86
CA THR A 882 1.36 27.77 -3.20
C THR A 882 1.07 27.29 -4.61
N HIS A 883 2.11 27.15 -5.43
CA HIS A 883 1.96 26.68 -6.79
C HIS A 883 2.70 25.37 -7.02
N TYR A 884 2.05 24.47 -7.75
CA TYR A 884 2.63 23.18 -8.07
C TYR A 884 3.82 23.33 -9.02
N ASN A 885 4.66 22.30 -9.07
CA ASN A 885 5.84 22.30 -9.93
C ASN A 885 5.48 22.53 -11.39
N THR A 886 6.38 23.19 -12.12
CA THR A 886 6.12 23.56 -13.51
C THR A 886 6.02 22.35 -14.43
N SER A 887 6.39 21.18 -13.93
CA SER A 887 6.32 19.94 -14.70
C SER A 887 5.00 19.20 -14.48
N TRP A 888 4.12 19.80 -13.69
CA TRP A 888 2.84 19.19 -13.35
C TRP A 888 1.93 19.06 -14.58
N ASP A 889 1.18 17.97 -14.64
CA ASP A 889 0.34 17.66 -15.79
C ASP A 889 -1.14 17.96 -15.54
N VAL A 890 -1.75 17.18 -14.67
CA VAL A 890 -3.19 17.26 -14.39
C VAL A 890 -3.60 18.64 -13.90
N ALA A 891 -4.69 19.15 -14.45
CA ALA A 891 -5.21 20.46 -14.09
C ALA A 891 -5.48 20.60 -12.58
N LYS A 892 -6.42 19.80 -12.08
CA LYS A 892 -6.80 19.86 -10.67
C LYS A 892 -5.62 19.52 -9.75
N PHE A 893 -5.37 20.39 -8.79
CA PHE A 893 -4.28 20.21 -7.84
C PHE A 893 -4.80 20.10 -6.42
N GLU A 894 -4.66 18.92 -5.82
CA GLU A 894 -5.11 18.69 -4.45
C GLU A 894 -4.02 17.99 -3.64
N VAL A 895 -3.97 18.30 -2.35
CA VAL A 895 -2.93 17.76 -1.48
C VAL A 895 -3.53 16.97 -0.31
N CYS A 896 -2.95 15.82 -0.02
CA CYS A 896 -3.36 15.01 1.12
C CYS A 896 -2.68 15.52 2.39
N HIS A 897 -3.43 15.60 3.48
CA HIS A 897 -2.90 16.11 4.74
C HIS A 897 -3.32 15.27 5.93
N HIS A 898 -2.66 15.50 7.07
CA HIS A 898 -2.97 14.79 8.30
C HIS A 898 -4.09 15.51 9.07
N LYS A 899 -3.79 16.71 9.56
CA LYS A 899 -4.77 17.46 10.34
C LYS A 899 -4.98 18.88 9.83
N PHE A 900 -3.95 19.72 9.91
CA PHE A 900 -4.14 21.12 9.55
C PHE A 900 -3.19 21.58 8.45
N ALA A 901 -3.55 22.70 7.82
CA ALA A 901 -2.71 23.36 6.84
C ALA A 901 -2.78 24.87 7.05
N ASP A 902 -1.64 25.54 6.94
CA ASP A 902 -1.57 26.97 7.25
C ASP A 902 -0.84 27.75 6.16
N TYR A 903 -1.02 29.06 6.17
CA TYR A 903 -0.26 29.95 5.31
C TYR A 903 0.35 31.04 6.17
N SER A 904 1.68 31.07 6.28
CA SER A 904 2.33 31.95 7.24
C SER A 904 3.54 32.69 6.70
N GLU A 905 3.50 34.02 6.82
CA GLU A 905 4.66 34.87 6.59
C GLU A 905 5.35 35.10 7.93
N TYR A 906 4.87 34.35 8.92
CA TYR A 906 5.35 34.27 10.31
C TYR A 906 4.85 35.41 11.20
N SER A 907 4.36 36.50 10.61
CA SER A 907 3.75 37.54 11.42
C SER A 907 2.25 37.32 11.58
N LYS A 908 1.68 36.48 10.72
CA LYS A 908 0.24 36.26 10.67
C LYS A 908 -0.13 35.11 9.75
N GLY A 909 -1.42 34.88 9.59
CA GLY A 909 -1.90 33.87 8.66
C GLY A 909 -3.27 33.30 8.98
N VAL A 910 -3.57 32.13 8.44
CA VAL A 910 -4.82 31.44 8.69
C VAL A 910 -4.59 29.94 8.86
N SER A 911 -5.10 29.40 9.95
CA SER A 911 -4.93 27.97 10.25
C SER A 911 -6.26 27.24 10.15
N ILE A 912 -6.25 26.10 9.45
CA ILE A 912 -7.46 25.30 9.27
C ILE A 912 -7.31 23.90 9.83
N LEU A 913 -8.03 23.63 10.93
CA LEU A 913 -8.08 22.30 11.51
C LEU A 913 -9.21 21.51 10.86
N ASN A 914 -9.02 20.21 10.68
CA ASN A 914 -10.09 19.38 10.12
C ASN A 914 -10.10 17.95 10.65
N ASP A 915 -11.24 17.28 10.47
CA ASP A 915 -11.38 15.88 10.88
C ASP A 915 -11.97 15.06 9.75
N CYS A 916 -11.53 13.80 9.67
CA CYS A 916 -12.04 12.79 8.74
C CYS A 916 -11.80 13.09 7.26
N LYS A 917 -11.30 14.29 6.96
CA LYS A 917 -10.93 14.64 5.60
C LYS A 917 -9.43 14.82 5.51
N TYR A 918 -8.77 13.96 4.74
CA TYR A 918 -7.32 14.03 4.61
C TYR A 918 -6.89 14.93 3.46
N GLY A 919 -7.84 15.30 2.59
CA GLY A 919 -7.54 16.11 1.43
C GLY A 919 -7.73 17.61 1.58
N PHE A 920 -6.99 18.37 0.79
CA PHE A 920 -7.18 19.81 0.65
C PHE A 920 -6.47 20.30 -0.61
N SER A 921 -6.55 21.58 -0.91
CA SER A 921 -5.97 22.11 -2.13
C SER A 921 -5.49 23.55 -1.99
N THR A 922 -4.57 23.94 -2.87
CA THR A 922 -4.09 25.32 -2.91
C THR A 922 -4.52 25.98 -4.21
N HIS A 923 -5.44 26.93 -4.08
CA HIS A 923 -6.13 27.53 -5.21
C HIS A 923 -5.55 28.85 -5.73
N GLY A 924 -4.37 29.24 -5.28
CA GLY A 924 -3.98 30.64 -5.41
C GLY A 924 -4.24 31.37 -4.11
N ASN A 925 -4.05 30.61 -3.03
CA ASN A 925 -4.42 30.99 -1.67
C ASN A 925 -5.91 31.14 -1.47
N LEU A 926 -6.60 30.01 -1.66
CA LEU A 926 -7.96 29.80 -1.20
C LEU A 926 -7.99 28.41 -0.58
N MET A 927 -8.28 28.34 0.73
CA MET A 927 -8.23 27.06 1.41
C MET A 927 -9.51 26.27 1.16
N ARG A 928 -9.37 25.08 0.58
CA ARG A 928 -10.53 24.28 0.21
C ARG A 928 -10.42 22.85 0.74
N LEU A 929 -11.31 22.48 1.64
CA LEU A 929 -11.35 21.14 2.21
C LEU A 929 -12.36 20.26 1.48
N SER A 930 -12.02 19.00 1.29
CA SER A 930 -12.90 18.07 0.58
C SER A 930 -13.79 17.28 1.53
N LEU A 931 -15.08 17.57 1.50
CA LEU A 931 -16.04 16.95 2.40
C LEU A 931 -16.37 15.51 1.98
N LEU A 932 -16.72 15.32 0.72
CA LEU A 932 -17.13 14.01 0.24
C LEU A 932 -16.90 13.87 -1.27
N ARG A 933 -16.73 12.63 -1.73
CA ARG A 933 -16.61 12.34 -3.16
C ARG A 933 -17.43 11.11 -3.52
N SER A 934 -18.01 11.12 -4.72
CA SER A 934 -18.84 10.02 -5.20
C SER A 934 -18.41 9.58 -6.60
N PRO A 935 -17.47 8.64 -6.68
CA PRO A 935 -16.93 8.16 -7.97
C PRO A 935 -17.96 7.36 -8.79
N LYS A 936 -17.68 7.20 -10.08
CA LYS A 936 -18.55 6.46 -10.98
C LYS A 936 -18.16 4.98 -11.01
N ALA A 937 -17.19 4.62 -10.18
CA ALA A 937 -16.73 3.24 -10.07
C ALA A 937 -17.87 2.30 -9.67
N PRO A 938 -17.75 1.01 -10.01
CA PRO A 938 -18.82 0.05 -9.68
C PRO A 938 -18.97 -0.18 -8.18
N ASP A 939 -19.21 0.90 -7.44
CA ASP A 939 -19.50 0.82 -6.00
C ASP A 939 -20.68 1.72 -5.69
N ALA A 940 -21.76 1.14 -5.18
CA ALA A 940 -22.99 1.87 -4.94
C ALA A 940 -23.05 2.47 -3.53
N HIS A 941 -22.03 2.17 -2.73
CA HIS A 941 -22.00 2.65 -1.35
C HIS A 941 -21.19 3.94 -1.22
N ALA A 942 -20.63 4.40 -2.34
CA ALA A 942 -19.86 5.64 -2.37
C ALA A 942 -20.73 6.81 -2.78
N ASP A 943 -22.02 6.56 -2.97
CA ASP A 943 -22.94 7.54 -3.50
C ASP A 943 -23.79 8.22 -2.43
N MET A 944 -24.61 7.42 -1.73
CA MET A 944 -25.64 7.95 -0.86
C MET A 944 -25.48 7.49 0.59
N GLY A 945 -26.21 8.14 1.49
CA GLY A 945 -26.12 7.88 2.91
C GLY A 945 -25.50 9.03 3.68
N THR A 946 -25.80 9.10 4.98
CA THR A 946 -25.40 10.22 5.81
C THR A 946 -23.91 10.23 6.13
N HIS A 947 -23.40 11.41 6.48
CA HIS A 947 -21.99 11.57 6.84
C HIS A 947 -21.81 12.62 7.92
N GLU A 948 -20.88 12.37 8.84
CA GLU A 948 -20.57 13.32 9.91
C GLU A 948 -19.15 13.86 9.74
N ILE A 949 -19.06 15.15 9.39
CA ILE A 949 -17.77 15.78 9.10
C ILE A 949 -17.47 16.85 10.15
N LYS A 950 -16.18 17.12 10.37
CA LYS A 950 -15.78 18.17 11.31
C LYS A 950 -14.49 18.87 10.87
N TYR A 951 -14.43 20.18 11.06
CA TYR A 951 -13.22 20.95 10.78
C TYR A 951 -13.20 22.26 11.57
N ALA A 952 -12.24 23.14 11.26
CA ALA A 952 -12.09 24.39 12.00
C ALA A 952 -11.32 25.47 11.24
N ILE A 953 -11.50 26.71 11.69
CA ILE A 953 -10.74 27.87 11.20
C ILE A 953 -10.13 28.64 12.38
N TYR A 954 -8.82 28.86 12.33
CA TYR A 954 -8.10 29.43 13.47
C TYR A 954 -7.33 30.69 13.08
N PRO A 955 -7.36 31.70 13.96
CA PRO A 955 -6.58 32.95 13.78
C PRO A 955 -5.10 32.75 14.07
N HIS A 956 -4.24 33.37 13.27
CA HIS A 956 -2.80 33.13 13.39
C HIS A 956 -2.01 34.39 13.77
N ARG A 957 -1.04 34.22 14.64
CA ARG A 957 -0.13 35.29 15.04
C ARG A 957 1.27 34.73 15.20
N GLY A 958 2.27 35.61 15.18
CA GLY A 958 3.66 35.20 15.33
C GLY A 958 3.93 34.50 16.64
N ALA A 959 3.28 34.96 17.70
CA ALA A 959 3.43 34.35 19.02
C ALA A 959 2.64 33.06 19.11
N LEU A 960 1.54 33.00 18.38
CA LEU A 960 0.67 31.81 18.35
C LEU A 960 1.04 30.88 17.21
N SER A 961 2.10 31.22 16.48
CA SER A 961 2.54 30.43 15.34
C SER A 961 2.97 29.02 15.74
N SER A 962 3.51 28.89 16.95
CA SER A 962 3.85 27.58 17.48
C SER A 962 2.66 26.97 18.22
N ASP A 963 1.67 27.81 18.51
CA ASP A 963 0.48 27.37 19.23
C ASP A 963 -0.53 26.68 18.31
N THR A 964 -0.67 27.19 17.09
CA THR A 964 -1.63 26.65 16.13
C THR A 964 -1.33 25.20 15.78
N VAL A 965 -0.05 24.87 15.71
CA VAL A 965 0.37 23.51 15.43
C VAL A 965 0.03 22.59 16.60
N LYS A 966 0.15 23.13 17.81
CA LYS A 966 -0.11 22.39 19.03
C LYS A 966 -1.61 22.17 19.26
N LEU A 967 -2.41 23.11 18.75
CA LEU A 967 -3.87 23.05 18.95
C LEU A 967 -4.57 22.32 17.81
N ALA A 968 -3.81 21.77 16.88
CA ALA A 968 -4.38 21.19 15.67
C ALA A 968 -4.49 19.67 15.71
N HIS A 969 -3.35 18.99 15.69
CA HIS A 969 -3.25 17.55 15.48
C HIS A 969 -4.13 16.71 16.42
N GLU A 970 -3.85 16.80 17.71
CA GLU A 970 -4.41 15.88 18.70
C GLU A 970 -5.76 16.33 19.24
N PHE A 971 -6.33 17.37 18.64
CA PHE A 971 -7.65 17.85 19.03
C PHE A 971 -8.74 16.79 18.86
N ASN A 972 -8.41 15.71 18.15
CA ASN A 972 -9.33 14.59 17.94
C ASN A 972 -9.71 13.88 19.25
N TYR A 973 -9.05 14.24 20.34
CA TYR A 973 -9.33 13.69 21.65
C TYR A 973 -10.80 13.76 22.03
N CYS A 974 -11.32 12.69 22.62
CA CYS A 974 -12.71 12.63 23.06
C CYS A 974 -12.80 12.62 24.58
N PHE A 975 -13.58 13.56 25.12
CA PHE A 975 -13.73 13.68 26.58
C PHE A 975 -14.49 12.50 27.16
N LYS A 976 -13.93 11.88 28.19
CA LYS A 976 -14.57 10.76 28.87
C LYS A 976 -14.41 10.86 30.38
N TYR A 977 -15.47 10.56 31.11
CA TYR A 977 -15.48 10.72 32.56
C TYR A 977 -16.16 9.54 33.27
N LYS A 978 -15.48 8.97 34.26
CA LYS A 978 -16.03 7.87 35.04
C LYS A 978 -15.44 7.87 36.46
N LEU A 979 -16.22 7.45 37.44
CA LEU A 979 -15.73 7.40 38.82
C LEU A 979 -16.12 6.13 39.58
N PRO A 980 -15.16 5.58 40.35
CA PRO A 980 -15.27 4.48 41.31
C PRO A 980 -15.47 4.96 42.75
N LYS A 981 -15.45 4.01 43.69
CA LYS A 981 -15.45 4.33 45.12
C LYS A 981 -14.17 5.06 45.50
N ASP A 982 -14.20 5.80 46.61
CA ASP A 982 -13.08 6.66 46.97
C ASP A 982 -12.19 6.11 48.09
N ILE A 983 -11.00 5.65 47.72
CA ILE A 983 -9.86 5.58 48.62
C ILE A 983 -8.59 5.96 47.87
N GLY A 984 -7.96 7.07 48.25
CA GLY A 984 -6.69 7.42 47.63
C GLY A 984 -6.44 8.90 47.39
N MET A 985 -5.46 9.18 46.53
CA MET A 985 -5.24 10.52 45.99
C MET A 985 -4.98 10.39 44.49
N ASN A 986 -5.75 11.12 43.69
CA ASN A 986 -5.77 10.92 42.24
C ASN A 986 -4.87 11.84 41.41
N PHE A 987 -4.12 12.72 42.06
CA PHE A 987 -3.24 13.62 41.31
C PHE A 987 -1.79 13.19 41.34
N ASP A 988 -1.30 12.71 40.20
CA ASP A 988 0.12 12.46 40.02
C ASP A 988 0.57 12.87 38.62
N ASP A 989 1.56 13.74 38.55
CA ASP A 989 2.16 14.09 37.26
C ASP A 989 3.55 13.48 37.23
N ILE A 990 3.72 12.44 36.44
CA ILE A 990 4.86 11.53 36.57
C ILE A 990 6.01 11.81 35.60
N ILE A 991 5.84 12.78 34.71
CA ILE A 991 6.83 13.05 33.67
C ILE A 991 8.04 13.78 34.25
N SER A 992 9.23 13.44 33.76
CA SER A 992 10.46 13.97 34.35
C SER A 992 11.26 14.91 33.45
N ILE A 993 11.24 16.20 33.81
CA ILE A 993 12.15 17.24 33.33
C ILE A 993 12.50 17.19 31.82
N SER A 994 11.52 17.53 30.98
CA SER A 994 11.80 17.75 29.56
C SER A 994 11.34 19.15 29.14
N GLY A 995 10.03 19.32 29.00
CA GLY A 995 9.43 20.62 28.74
C GLY A 995 9.87 21.32 27.47
N ASP A 996 9.72 20.66 26.33
CA ASP A 996 10.04 21.30 25.05
C ASP A 996 8.77 21.47 24.21
N GLU A 997 8.38 22.73 24.00
CA GLU A 997 7.16 23.05 23.27
C GLU A 997 7.30 22.78 21.77
N ASN A 998 8.53 22.81 21.28
CA ASN A 998 8.79 22.60 19.86
C ASN A 998 8.86 21.11 19.50
N VAL A 999 8.85 20.26 20.52
CA VAL A 999 8.90 18.82 20.30
C VAL A 999 7.57 18.19 20.71
N ILE A 1000 7.23 17.07 20.08
CA ILE A 1000 6.01 16.35 20.40
C ILE A 1000 6.27 14.85 20.39
N LEU A 1001 5.88 14.17 21.47
CA LEU A 1001 6.11 12.74 21.58
C LEU A 1001 4.90 11.97 21.08
N SER A 1002 5.06 11.31 19.93
CA SER A 1002 3.96 10.59 19.32
C SER A 1002 3.74 9.21 19.93
N ASN A 1003 4.83 8.48 20.18
CA ASN A 1003 4.71 7.10 20.64
C ASN A 1003 5.72 6.67 21.70
N ILE A 1004 5.20 6.05 22.75
CA ILE A 1004 6.01 5.35 23.75
C ILE A 1004 5.35 4.02 24.09
N LYS A 1005 6.05 2.92 23.85
CA LYS A 1005 5.45 1.60 24.07
C LYS A 1005 6.45 0.60 24.64
N ARG A 1006 5.98 -0.62 24.90
CA ARG A 1006 6.83 -1.67 25.46
C ARG A 1006 7.47 -2.51 24.37
N GLY A 1007 8.12 -3.60 24.78
CA GLY A 1007 8.76 -4.50 23.85
C GLY A 1007 7.98 -5.80 23.67
N GLU A 1008 8.63 -6.80 23.09
CA GLU A 1008 7.98 -8.08 22.85
C GLU A 1008 8.20 -9.04 24.01
N ASP A 1009 9.45 -9.46 24.20
CA ASP A 1009 9.79 -10.38 25.28
C ASP A 1009 9.80 -9.68 26.63
N GLU A 1024 11.55 -9.13 31.35
CA GLU A 1024 12.08 -7.95 30.70
C GLU A 1024 11.00 -6.87 30.53
N GLN A 1025 10.27 -6.95 29.42
CA GLN A 1025 9.21 -5.99 29.10
C GLN A 1025 9.72 -4.55 29.11
N SER A 1026 10.91 -4.35 28.58
CA SER A 1026 11.50 -3.01 28.45
C SER A 1026 10.64 -2.16 27.52
N ILE A 1027 10.52 -0.87 27.85
CA ILE A 1027 9.65 0.00 27.06
C ILE A 1027 10.47 1.02 26.28
N VAL A 1028 9.93 1.46 25.14
CA VAL A 1028 10.64 2.39 24.28
C VAL A 1028 9.95 3.75 24.23
N VAL A 1029 10.73 4.80 24.00
CA VAL A 1029 10.20 6.17 23.94
C VAL A 1029 10.64 6.87 22.66
N ARG A 1030 9.67 7.23 21.80
CA ARG A 1030 9.99 7.89 20.54
C ARG A 1030 9.41 9.30 20.45
N VAL A 1031 10.27 10.27 20.23
CA VAL A 1031 9.89 11.67 20.14
C VAL A 1031 10.28 12.27 18.79
N TYR A 1032 9.59 13.33 18.37
CA TYR A 1032 9.95 14.04 17.16
C TYR A 1032 9.65 15.53 17.28
N GLU A 1033 10.50 16.36 16.68
CA GLU A 1033 10.37 17.81 16.80
C GLU A 1033 9.32 18.37 15.84
N SER A 1034 8.32 19.03 16.40
CA SER A 1034 7.24 19.63 15.62
C SER A 1034 7.74 20.79 14.77
N LEU A 1035 8.36 21.76 15.41
CA LEU A 1035 8.89 22.94 14.72
C LEU A 1035 10.37 22.77 14.41
N GLY A 1036 10.71 22.73 13.13
CA GLY A 1036 12.08 22.52 12.72
C GLY A 1036 12.43 23.24 11.43
N GLY A 1037 13.72 23.36 11.17
CA GLY A 1037 14.20 24.09 10.01
C GLY A 1037 14.77 25.44 10.41
N GLU A 1038 14.49 25.85 11.63
CA GLU A 1038 14.97 27.12 12.15
C GLU A 1038 15.68 26.93 13.51
N SER A 1039 14.95 26.45 14.51
CA SER A 1039 15.47 26.30 15.85
C SER A 1039 16.12 24.93 16.07
N PHE A 1040 17.19 24.92 16.86
CA PHE A 1040 17.81 23.67 17.26
C PHE A 1040 17.35 23.33 18.67
N ALA A 1041 16.52 22.30 18.80
CA ALA A 1041 15.89 21.98 20.08
C ALA A 1041 16.86 21.28 21.03
N SER A 1042 17.04 21.87 22.20
CA SER A 1042 17.86 21.25 23.24
C SER A 1042 17.04 20.21 23.99
N LEU A 1043 17.53 18.98 24.01
CA LEU A 1043 16.77 17.89 24.63
C LEU A 1043 17.31 17.56 26.01
N ASN A 1044 16.55 17.93 27.03
CA ASN A 1044 16.88 17.61 28.41
C ASN A 1044 16.12 16.37 28.88
N THR A 1045 15.37 15.78 27.96
CA THR A 1045 14.49 14.66 28.27
C THR A 1045 15.24 13.49 28.91
N THR A 1046 14.76 13.07 30.08
CA THR A 1046 15.34 11.94 30.81
C THR A 1046 14.32 11.44 31.83
N LEU A 1047 14.71 10.41 32.58
CA LEU A 1047 13.82 9.82 33.57
C LEU A 1047 14.56 9.51 34.87
N ASN A 1048 13.86 8.89 35.81
CA ASN A 1048 14.46 8.57 37.10
C ASN A 1048 14.23 7.11 37.50
N LEU A 1049 15.02 6.66 38.49
CA LEU A 1049 14.95 5.31 39.05
C LEU A 1049 15.42 4.22 38.07
N LYS A 1050 15.64 4.58 36.82
CA LYS A 1050 16.13 3.65 35.81
C LYS A 1050 17.13 4.32 34.88
N ARG A 1051 17.56 3.61 33.85
CA ARG A 1051 18.46 4.18 32.87
C ARG A 1051 17.78 4.28 31.50
N ILE A 1052 18.46 4.87 30.53
CA ILE A 1052 17.90 5.07 29.20
C ILE A 1052 18.99 5.09 28.13
N GLU A 1053 18.69 4.52 26.97
CA GLU A 1053 19.61 4.55 25.84
C GLU A 1053 18.85 4.78 24.54
N LYS A 1054 19.50 5.45 23.58
CA LYS A 1054 18.88 5.74 22.29
C LYS A 1054 18.71 4.44 21.49
N VAL A 1055 17.52 4.27 20.94
CA VAL A 1055 17.17 3.05 20.21
C VAL A 1055 16.35 3.38 18.97
N ASP A 1056 16.67 2.73 17.85
CA ASP A 1056 16.06 3.04 16.57
C ASP A 1056 14.60 2.59 16.46
N ASN A 1057 14.00 2.81 15.30
CA ASN A 1057 12.59 2.51 15.06
C ASN A 1057 12.27 1.02 15.07
N LEU A 1058 13.31 0.19 14.93
CA LEU A 1058 13.14 -1.26 14.95
C LEU A 1058 13.15 -1.81 16.37
N GLU A 1059 13.25 -0.91 17.34
CA GLU A 1059 13.36 -1.26 18.75
C GLU A 1059 14.60 -2.12 18.98
N MET A 1060 15.68 -1.79 18.27
CA MET A 1060 16.94 -2.49 18.41
C MET A 1060 17.94 -1.63 19.20
N LYS A 1061 18.71 -2.28 20.06
CA LYS A 1061 19.65 -1.57 20.92
C LYS A 1061 20.74 -0.84 20.14
N VAL A 1062 20.90 0.45 20.43
CA VAL A 1062 21.94 1.25 19.82
C VAL A 1062 22.81 1.89 20.90
N TYR A 1063 24.11 1.62 20.84
CA TYR A 1063 25.05 2.13 21.83
C TYR A 1063 25.16 3.66 21.79
N ASN A 1078 24.76 5.94 19.70
CA ASN A 1078 24.99 7.09 20.57
C ASN A 1078 23.98 7.10 21.72
N ARG A 1079 24.33 7.80 22.79
CA ARG A 1079 23.46 7.92 23.95
C ARG A 1079 22.41 9.01 23.73
N ILE A 1080 21.70 9.36 24.80
CA ILE A 1080 20.65 10.37 24.73
C ILE A 1080 21.24 11.73 24.37
N PRO A 1081 20.82 12.29 23.21
CA PRO A 1081 21.31 13.59 22.76
C PRO A 1081 20.80 14.73 23.65
N ILE A 1082 21.70 15.66 23.99
CA ILE A 1082 21.32 16.80 24.83
C ILE A 1082 20.63 17.85 23.98
N LYS A 1083 20.80 17.76 22.66
CA LYS A 1083 20.17 18.68 21.73
C LYS A 1083 19.68 17.93 20.48
N LEU A 1084 18.44 18.19 20.08
CA LEU A 1084 17.86 17.53 18.92
C LEU A 1084 18.00 18.37 17.65
N ARG A 1085 18.38 17.71 16.56
CA ARG A 1085 18.48 18.36 15.26
C ARG A 1085 17.09 18.71 14.74
N PRO A 1086 17.00 19.76 13.91
CA PRO A 1086 15.71 20.13 13.30
C PRO A 1086 15.12 19.00 12.47
N PHE A 1087 13.82 18.74 12.64
CA PHE A 1087 13.12 17.69 11.93
C PHE A 1087 13.78 16.33 12.15
N GLU A 1088 13.97 15.97 13.41
CA GLU A 1088 14.61 14.69 13.74
C GLU A 1088 13.76 13.86 14.68
N ILE A 1089 13.61 12.57 14.35
CA ILE A 1089 12.88 11.65 15.21
C ILE A 1089 13.82 11.07 16.27
N ALA A 1090 13.50 11.33 17.54
CA ALA A 1090 14.32 10.84 18.64
C ALA A 1090 13.61 9.70 19.35
N SER A 1091 14.15 8.48 19.20
CA SER A 1091 13.56 7.32 19.83
C SER A 1091 14.52 6.70 20.85
N PHE A 1092 14.00 6.34 22.01
CA PHE A 1092 14.81 5.80 23.10
C PHE A 1092 14.17 4.55 23.69
N ARG A 1093 14.93 3.83 24.52
CA ARG A 1093 14.43 2.63 25.18
C ARG A 1093 14.70 2.69 26.67
N LEU A 1094 13.79 2.13 27.47
CA LEU A 1094 13.91 2.18 28.92
C LEU A 1094 14.07 0.78 29.51
N TYR A 1095 15.09 0.61 30.35
CA TYR A 1095 15.34 -0.67 31.00
C TYR A 1095 15.32 -0.52 32.52
N PHE A 1096 15.00 -1.62 33.21
CA PHE A 1096 14.95 -1.63 34.67
C PHE A 1096 16.32 -1.44 35.27
#